data_1YXA
#
_entry.id   1YXA
#
_cell.length_a   83.340
_cell.length_b   92.620
_cell.length_c   118.260
_cell.angle_alpha   90.000
_cell.angle_beta   90.000
_cell.angle_gamma   90.000
#
_symmetry.space_group_name_H-M   'P 21 21 21'
#
loop_
_entity.id
_entity.type
_entity.pdbx_description
1 polymer 'serine (or cysteine) proteinase inhibitor, clade A, member 3N'
2 water water
#
_entity_poly.entity_id   1
_entity_poly.type   'polypeptide(L)'
_entity_poly.pdbx_seq_one_letter_code
;FPDGTLGMDAAVQEDHDNGTQLDSLTLASINTDFAFSLYKELVLKNPDTNIVFSPLSISAALALVSLGAKGNTLEEILEG
LKFNLTETSEADIHQGFGHLLQRLNQPKDQVQISTGSALFIEKRQQILTEFQEKAKTLYQAEAFTADFQQPRQAKKLIND
YVRKQTQGMIKELVSDLDKRTLMVLVNYIYFKAKWKVPFDPLDTFKSEFYCGKRRPVIVPMMSMEDLTTPYFRDEELSCT
VVELKYTGNASALFILPDQGRMQQVEASLQPETLRKWKNSLKPRMIDELHLPKFSISTDYSLEDVLSKLGIREVFSTQAD
LSAITGTKDLRVSQVVHKAVLDVAETGTEAAAATGVKFVPMSAKLYPLTVYFNRPFLIMIFDTETEIAPFIAKIANPK
;
_entity_poly.pdbx_strand_id   A,B
#
# COMPACT_ATOMS: atom_id res chain seq x y z
N LEU A 27 -1.30 -2.10 33.18
CA LEU A 27 -2.09 -1.92 31.92
C LEU A 27 -2.00 -3.16 31.02
N ALA A 28 -0.78 -3.68 30.88
CA ALA A 28 -0.55 -4.90 30.13
C ALA A 28 -1.34 -6.04 30.74
N SER A 29 -1.30 -6.10 32.07
CA SER A 29 -1.95 -7.14 32.86
C SER A 29 -3.47 -7.00 32.82
N ILE A 30 -3.96 -5.76 32.93
CA ILE A 30 -5.38 -5.46 32.78
C ILE A 30 -5.85 -5.92 31.41
N ASN A 31 -5.13 -5.50 30.36
CA ASN A 31 -5.52 -5.83 29.01
C ASN A 31 -5.43 -7.32 28.69
N THR A 32 -4.47 -7.99 29.31
CA THR A 32 -4.31 -9.45 29.16
C THR A 32 -5.45 -10.17 29.83
N ASP A 33 -5.89 -9.65 30.97
CA ASP A 33 -7.01 -10.24 31.69
C ASP A 33 -8.29 -10.09 30.86
N PHE A 34 -8.49 -8.91 30.28
CA PHE A 34 -9.58 -8.72 29.33
C PHE A 34 -9.47 -9.70 28.16
N ALA A 35 -8.26 -9.84 27.60
CA ALA A 35 -8.03 -10.70 26.43
C ALA A 35 -8.52 -12.13 26.65
N PHE A 36 -8.13 -12.71 27.78
CA PHE A 36 -8.47 -14.09 28.10
C PHE A 36 -9.92 -14.27 28.48
N SER A 37 -10.51 -13.25 29.10
CA SER A 37 -11.93 -13.23 29.38
C SER A 37 -12.72 -13.28 28.08
N LEU A 38 -12.36 -12.38 27.16
CA LEU A 38 -13.00 -12.29 25.86
C LEU A 38 -12.80 -13.59 25.07
N TYR A 39 -11.56 -14.10 25.07
CA TYR A 39 -11.22 -15.35 24.38
C TYR A 39 -12.20 -16.48 24.74
N LYS A 40 -12.36 -16.70 26.04
CA LYS A 40 -13.23 -17.74 26.55
C LYS A 40 -14.69 -17.57 26.11
N GLU A 41 -15.18 -16.33 26.13
CA GLU A 41 -16.53 -16.04 25.68
C GLU A 41 -16.69 -16.28 24.18
N LEU A 42 -15.63 -15.98 23.43
CA LEU A 42 -15.66 -16.20 21.98
C LEU A 42 -15.66 -17.67 21.59
N VAL A 43 -14.84 -18.47 22.28
CA VAL A 43 -14.78 -19.92 22.10
C VAL A 43 -16.11 -20.58 22.45
N LEU A 44 -16.73 -20.14 23.53
CA LEU A 44 -18.03 -20.65 23.94
C LEU A 44 -19.08 -20.39 22.85
N LYS A 45 -18.98 -19.25 22.19
CA LYS A 45 -19.88 -18.92 21.07
C LYS A 45 -19.57 -19.74 19.82
N ASN A 46 -18.28 -19.87 19.48
CA ASN A 46 -17.85 -20.55 18.25
C ASN A 46 -16.86 -21.70 18.51
N PRO A 47 -17.36 -22.86 19.00
CA PRO A 47 -16.47 -23.99 19.25
C PRO A 47 -15.81 -24.52 17.99
N ASP A 48 -14.61 -25.09 18.17
CA ASP A 48 -13.83 -25.68 17.07
C ASP A 48 -13.65 -24.80 15.82
N THR A 49 -13.48 -23.48 16.01
CA THR A 49 -13.27 -22.56 14.89
C THR A 49 -12.06 -21.67 15.14
N ASN A 50 -11.44 -21.19 14.07
CA ASN A 50 -10.38 -20.18 14.19
C ASN A 50 -10.92 -18.99 14.97
N ILE A 51 -10.08 -18.41 15.80
CA ILE A 51 -10.42 -17.19 16.54
C ILE A 51 -9.24 -16.28 16.33
N VAL A 52 -9.53 -15.02 16.00
CA VAL A 52 -8.52 -14.01 15.88
C VAL A 52 -9.16 -12.71 16.33
N PHE A 53 -8.58 -12.06 17.32
CA PHE A 53 -9.07 -10.74 17.69
C PHE A 53 -7.94 -9.97 18.34
N SER A 54 -8.14 -8.67 18.48
CA SER A 54 -7.21 -7.81 19.16
C SER A 54 -7.83 -7.35 20.47
N PRO A 55 -7.26 -7.75 21.63
CA PRO A 55 -7.74 -7.21 22.91
C PRO A 55 -7.37 -5.74 23.06
N LEU A 56 -6.28 -5.33 22.41
CA LEU A 56 -5.83 -3.96 22.40
C LEU A 56 -6.82 -3.08 21.65
N SER A 57 -7.09 -3.42 20.38
CA SER A 57 -7.90 -2.56 19.55
C SER A 57 -9.34 -2.54 20.00
N ILE A 58 -9.83 -3.68 20.51
CA ILE A 58 -11.21 -3.76 20.98
C ILE A 58 -11.36 -2.86 22.22
N SER A 59 -10.42 -2.97 23.15
CA SER A 59 -10.41 -2.13 24.34
C SER A 59 -10.36 -0.64 24.01
N ALA A 60 -9.53 -0.28 23.03
CA ALA A 60 -9.40 1.11 22.58
C ALA A 60 -10.68 1.64 21.97
N ALA A 61 -11.40 0.78 21.24
CA ALA A 61 -12.64 1.19 20.61
C ALA A 61 -13.73 1.42 21.67
N LEU A 62 -13.78 0.55 22.66
CA LEU A 62 -14.75 0.68 23.75
C LEU A 62 -14.44 1.88 24.65
N ALA A 63 -13.15 2.13 24.89
CA ALA A 63 -12.70 3.33 25.62
C ALA A 63 -13.08 4.61 24.85
N LEU A 64 -12.99 4.58 23.52
CA LEU A 64 -13.48 5.68 22.69
C LEU A 64 -14.98 5.97 22.93
N VAL A 65 -15.78 4.92 23.04
CA VAL A 65 -17.19 5.10 23.36
C VAL A 65 -17.39 5.65 24.79
N SER A 66 -16.59 5.16 25.73
CA SER A 66 -16.64 5.63 27.12
C SER A 66 -16.34 7.14 27.27
N LEU A 67 -15.62 7.72 26.32
CA LEU A 67 -15.42 9.16 26.28
C LEU A 67 -16.73 9.93 26.19
N GLY A 68 -17.74 9.34 25.55
CA GLY A 68 -19.04 9.98 25.44
C GLY A 68 -20.08 9.45 26.42
N ALA A 69 -19.64 8.61 27.35
CA ALA A 69 -20.55 7.99 28.29
C ALA A 69 -20.49 8.68 29.64
N LYS A 70 -21.53 8.46 30.46
CA LYS A 70 -21.58 9.01 31.81
C LYS A 70 -22.24 7.99 32.72
N GLY A 71 -22.11 8.19 34.03
CA GLY A 71 -22.82 7.38 35.03
C GLY A 71 -22.50 5.90 34.94
N ASN A 72 -23.52 5.07 35.13
CA ASN A 72 -23.32 3.63 35.09
C ASN A 72 -22.95 3.10 33.71
N THR A 73 -23.22 3.87 32.66
CA THR A 73 -22.84 3.47 31.30
C THR A 73 -21.32 3.51 31.18
N LEU A 74 -20.73 4.64 31.61
CA LEU A 74 -19.30 4.82 31.62
C LEU A 74 -18.63 3.77 32.54
N GLU A 75 -19.04 3.76 33.81
CA GLU A 75 -18.49 2.86 34.82
C GLU A 75 -18.45 1.39 34.37
N GLU A 76 -19.51 0.91 33.73
CA GLU A 76 -19.56 -0.47 33.25
C GLU A 76 -18.58 -0.76 32.11
N ILE A 77 -18.37 0.19 31.21
CA ILE A 77 -17.39 -0.01 30.14
C ILE A 77 -15.97 -0.20 30.72
N LEU A 78 -15.53 0.77 31.52
CA LEU A 78 -14.18 0.76 32.09
C LEU A 78 -13.88 -0.44 32.98
N GLU A 79 -14.86 -0.84 33.78
CA GLU A 79 -14.76 -2.03 34.60
C GLU A 79 -14.83 -3.34 33.79
N GLY A 80 -15.65 -3.37 32.73
CA GLY A 80 -15.68 -4.53 31.83
C GLY A 80 -14.35 -4.74 31.12
N LEU A 81 -13.62 -3.63 30.91
CA LEU A 81 -12.27 -3.65 30.36
C LEU A 81 -11.21 -4.10 31.37
N LYS A 82 -11.67 -4.40 32.59
CA LYS A 82 -10.89 -4.92 33.74
C LYS A 82 -10.10 -3.87 34.50
N PHE A 83 -10.44 -2.59 34.31
CA PHE A 83 -9.87 -1.54 35.15
C PHE A 83 -10.58 -1.49 36.52
N ASN A 84 -9.81 -1.13 37.53
CA ASN A 84 -10.35 -0.82 38.85
C ASN A 84 -10.33 0.69 38.99
N LEU A 85 -11.52 1.28 39.00
CA LEU A 85 -11.66 2.73 38.97
C LEU A 85 -11.32 3.43 40.31
N THR A 86 -11.21 2.66 41.40
CA THR A 86 -10.71 3.22 42.66
C THR A 86 -9.20 3.40 42.60
N GLU A 87 -8.53 2.65 41.72
CA GLU A 87 -7.08 2.71 41.57
C GLU A 87 -6.63 3.44 40.31
N THR A 88 -7.52 3.58 39.33
CA THR A 88 -7.16 4.21 38.06
C THR A 88 -8.17 5.27 37.63
N SER A 89 -7.64 6.42 37.20
CA SER A 89 -8.47 7.51 36.70
C SER A 89 -8.92 7.29 35.26
N GLU A 90 -10.13 7.74 34.95
CA GLU A 90 -10.68 7.71 33.59
C GLU A 90 -9.75 8.44 32.63
N ALA A 91 -9.15 9.54 33.09
CA ALA A 91 -8.22 10.33 32.31
C ALA A 91 -6.95 9.54 31.97
N ASP A 92 -6.43 8.78 32.94
CA ASP A 92 -5.25 7.93 32.72
C ASP A 92 -5.52 6.82 31.72
N ILE A 93 -6.75 6.30 31.73
CA ILE A 93 -7.15 5.25 30.80
C ILE A 93 -7.05 5.71 29.33
N HIS A 94 -7.55 6.92 29.06
CA HIS A 94 -7.49 7.51 27.72
C HIS A 94 -6.07 7.94 27.31
N GLN A 95 -5.25 8.36 28.26
CA GLN A 95 -3.87 8.71 27.98
C GLN A 95 -3.09 7.44 27.72
N GLY A 96 -3.57 6.35 28.30
CA GLY A 96 -2.87 5.06 28.28
C GLY A 96 -2.94 4.46 26.90
N PHE A 97 -4.17 4.21 26.45
CA PHE A 97 -4.44 3.77 25.08
C PHE A 97 -4.01 4.83 24.07
N GLY A 98 -4.08 6.10 24.50
CA GLY A 98 -3.76 7.23 23.63
C GLY A 98 -2.31 7.25 23.19
N HIS A 99 -1.41 7.23 24.15
CA HIS A 99 0.02 7.15 23.87
C HIS A 99 0.36 5.89 23.07
N LEU A 100 -0.20 4.75 23.46
CA LEU A 100 0.10 3.47 22.81
C LEU A 100 -0.26 3.47 21.32
N LEU A 101 -1.47 3.91 21.01
CA LEU A 101 -1.96 3.91 19.64
C LEU A 101 -1.27 4.94 18.75
N GLN A 102 -0.88 6.07 19.35
CA GLN A 102 -0.11 7.08 18.63
C GLN A 102 1.26 6.54 18.22
N ARG A 103 1.73 5.53 18.96
CA ARG A 103 3.05 4.95 18.76
C ARG A 103 3.03 3.76 17.80
N LEU A 104 1.93 3.01 17.77
CA LEU A 104 1.91 1.71 17.12
C LEU A 104 1.72 1.73 15.60
N ASN A 105 0.80 2.55 15.11
CA ASN A 105 0.53 2.67 13.66
C ASN A 105 1.71 3.27 12.88
N GLN A 106 2.59 3.96 13.61
CA GLN A 106 3.85 4.51 13.09
C GLN A 106 4.88 3.39 12.83
N PRO A 107 5.36 3.26 11.59
CA PRO A 107 6.35 2.21 11.26
C PRO A 107 7.68 2.45 12.00
N LYS A 108 8.14 1.41 12.71
CA LYS A 108 9.38 1.46 13.47
C LYS A 108 10.04 0.07 13.49
N ASP A 109 11.28 0.01 13.01
CA ASP A 109 12.09 -1.22 12.95
C ASP A 109 11.43 -2.36 12.17
N GLN A 110 10.65 -2.00 11.15
CA GLN A 110 9.93 -2.95 10.29
C GLN A 110 8.80 -3.72 11.01
N VAL A 111 8.19 -3.11 12.03
CA VAL A 111 6.93 -3.60 12.57
C VAL A 111 5.87 -2.49 12.42
N GLN A 112 4.75 -2.82 11.77
CA GLN A 112 3.64 -1.86 11.74
C GLN A 112 2.34 -2.50 12.12
N ILE A 113 1.79 -2.06 13.25
CA ILE A 113 0.49 -2.54 13.72
C ILE A 113 -0.54 -1.48 13.33
N SER A 114 -1.33 -1.76 12.29
CA SER A 114 -2.30 -0.78 11.82
C SER A 114 -3.66 -1.01 12.45
N THR A 115 -4.21 0.04 13.03
CA THR A 115 -5.43 -0.05 13.81
C THR A 115 -6.25 1.24 13.70
N GLY A 116 -7.56 1.13 13.88
CA GLY A 116 -8.42 2.30 13.79
C GLY A 116 -9.81 2.04 14.27
N SER A 117 -10.48 3.11 14.70
CA SER A 117 -11.87 3.06 15.14
C SER A 117 -12.66 4.21 14.55
N ALA A 118 -13.97 4.04 14.43
CA ALA A 118 -14.87 5.09 13.94
C ALA A 118 -16.28 4.80 14.43
N LEU A 119 -17.02 5.88 14.68
CA LEU A 119 -18.42 5.81 15.04
C LEU A 119 -19.26 6.36 13.92
N PHE A 120 -20.38 5.69 13.67
CA PHE A 120 -21.34 6.11 12.69
C PHE A 120 -22.71 6.21 13.36
N ILE A 121 -23.23 7.44 13.44
CA ILE A 121 -24.40 7.84 14.23
C ILE A 121 -25.54 8.24 13.32
N GLU A 122 -26.75 7.82 13.64
CA GLU A 122 -27.93 8.11 12.83
C GLU A 122 -28.13 9.62 12.60
N LYS A 123 -28.58 9.97 11.40
CA LYS A 123 -28.70 11.36 10.93
C LYS A 123 -29.52 12.30 11.82
N ARG A 124 -30.53 11.77 12.50
CA ARG A 124 -31.38 12.56 13.40
C ARG A 124 -30.60 13.24 14.49
N GLN A 125 -29.46 12.68 14.86
CA GLN A 125 -28.75 13.15 16.05
C GLN A 125 -27.54 14.00 15.69
N GLN A 126 -27.24 14.96 16.56
CA GLN A 126 -26.11 15.86 16.37
C GLN A 126 -24.97 15.33 17.21
N ILE A 127 -23.75 15.46 16.69
CA ILE A 127 -22.55 15.10 17.44
C ILE A 127 -21.92 16.37 17.99
N LEU A 128 -21.63 16.34 19.30
CA LEU A 128 -20.98 17.46 19.99
C LEU A 128 -19.50 17.60 19.61
N THR A 129 -19.13 18.82 19.22
CA THR A 129 -17.75 19.15 18.80
C THR A 129 -16.74 18.80 19.88
N GLU A 130 -17.10 19.06 21.14
CA GLU A 130 -16.30 18.70 22.30
C GLU A 130 -15.87 17.23 22.25
N PHE A 131 -16.83 16.33 22.00
CA PHE A 131 -16.54 14.90 21.92
C PHE A 131 -15.66 14.57 20.72
N GLN A 132 -15.98 15.15 19.58
CA GLN A 132 -15.22 14.90 18.36
C GLN A 132 -13.77 15.36 18.43
N GLU A 133 -13.53 16.48 19.12
CA GLU A 133 -12.18 16.98 19.40
C GLU A 133 -11.40 16.02 20.28
N LYS A 134 -12.03 15.57 21.38
CA LYS A 134 -11.44 14.55 22.24
C LYS A 134 -11.21 13.21 21.54
N ALA A 135 -12.14 12.80 20.68
CA ALA A 135 -12.01 11.56 19.92
C ALA A 135 -10.79 11.59 19.00
N LYS A 136 -10.62 12.70 18.28
CA LYS A 136 -9.46 12.86 17.40
C LYS A 136 -8.17 12.97 18.23
N THR A 137 -8.19 13.84 19.23
CA THR A 137 -7.01 14.07 20.07
C THR A 137 -6.51 12.79 20.73
N LEU A 138 -7.38 12.12 21.49
CA LEU A 138 -6.98 10.98 22.28
C LEU A 138 -6.84 9.67 21.50
N TYR A 139 -7.65 9.50 20.45
CA TYR A 139 -7.76 8.20 19.77
C TYR A 139 -7.58 8.24 18.26
N GLN A 140 -7.33 9.42 17.69
CA GLN A 140 -7.24 9.59 16.23
C GLN A 140 -8.49 9.02 15.54
N ALA A 141 -9.63 9.11 16.21
CA ALA A 141 -10.88 8.57 15.70
C ALA A 141 -11.89 9.69 15.38
N GLU A 142 -12.88 9.37 14.56
CA GLU A 142 -13.94 10.32 14.21
C GLU A 142 -15.32 9.72 14.30
N ALA A 143 -16.31 10.59 14.49
CA ALA A 143 -17.70 10.23 14.49
C ALA A 143 -18.35 10.83 13.26
N PHE A 144 -19.05 10.00 12.50
CA PHE A 144 -19.70 10.45 11.28
C PHE A 144 -21.20 10.25 11.37
N THR A 145 -21.92 11.09 10.65
CA THR A 145 -23.36 10.95 10.49
C THR A 145 -23.62 9.92 9.41
N ALA A 146 -24.53 9.01 9.67
CA ALA A 146 -24.97 8.07 8.65
C ALA A 146 -26.49 7.98 8.60
N ASP A 147 -27.04 7.80 7.39
CA ASP A 147 -28.47 7.57 7.21
C ASP A 147 -28.72 6.08 7.15
N PHE A 148 -29.05 5.49 8.29
CA PHE A 148 -29.20 4.04 8.39
C PHE A 148 -30.52 3.56 7.78
N GLN A 149 -31.51 4.46 7.67
CA GLN A 149 -32.79 4.15 6.99
C GLN A 149 -32.61 3.75 5.52
N GLN A 150 -31.45 4.08 4.94
CA GLN A 150 -31.04 3.62 3.61
C GLN A 150 -29.83 2.67 3.69
N PRO A 151 -30.06 1.37 4.01
CA PRO A 151 -29.00 0.39 4.31
C PRO A 151 -27.82 0.37 3.34
N ARG A 152 -28.08 0.16 2.04
CA ARG A 152 -27.00 0.08 1.04
C ARG A 152 -26.11 1.34 1.00
N GLN A 153 -26.70 2.51 1.23
CA GLN A 153 -25.96 3.77 1.25
C GLN A 153 -25.04 3.85 2.47
N ALA A 154 -25.60 3.52 3.64
CA ALA A 154 -24.84 3.54 4.88
C ALA A 154 -23.76 2.45 4.85
N LYS A 155 -24.09 1.25 4.37
CA LYS A 155 -23.11 0.18 4.19
C LYS A 155 -21.92 0.65 3.33
N LYS A 156 -22.21 1.36 2.25
CA LYS A 156 -21.15 1.85 1.34
C LYS A 156 -20.31 2.96 1.95
N LEU A 157 -20.94 3.84 2.74
CA LEU A 157 -20.23 4.93 3.42
C LEU A 157 -19.19 4.43 4.42
N ILE A 158 -19.58 3.43 5.22
CA ILE A 158 -18.70 2.84 6.22
C ILE A 158 -17.53 2.13 5.55
N ASN A 159 -17.83 1.25 4.59
CA ASN A 159 -16.83 0.47 3.89
C ASN A 159 -15.87 1.33 3.08
N ASP A 160 -16.38 2.40 2.50
CA ASP A 160 -15.53 3.36 1.78
C ASP A 160 -14.54 4.03 2.71
N TYR A 161 -14.99 4.38 3.92
CA TYR A 161 -14.12 5.00 4.88
C TYR A 161 -13.00 4.08 5.30
N VAL A 162 -13.34 2.82 5.57
CA VAL A 162 -12.36 1.85 6.05
C VAL A 162 -11.41 1.42 4.94
N ARG A 163 -11.93 1.31 3.72
CA ARG A 163 -11.13 1.05 2.52
C ARG A 163 -10.06 2.14 2.32
N LYS A 164 -10.47 3.39 2.54
CA LYS A 164 -9.57 4.53 2.42
C LYS A 164 -8.52 4.53 3.53
N GLN A 165 -8.98 4.33 4.76
CA GLN A 165 -8.14 4.39 5.95
C GLN A 165 -7.05 3.34 5.94
N THR A 166 -7.41 2.12 5.53
CA THR A 166 -6.48 0.99 5.51
C THR A 166 -5.70 0.92 4.19
N GLN A 167 -5.86 1.96 3.36
CA GLN A 167 -5.30 2.03 2.01
C GLN A 167 -5.47 0.70 1.27
N GLY A 168 -6.71 0.23 1.23
CA GLY A 168 -7.08 -0.98 0.51
C GLY A 168 -7.01 -2.29 1.27
N MET A 169 -6.39 -2.28 2.45
CA MET A 169 -6.14 -3.52 3.20
C MET A 169 -7.42 -4.19 3.68
N ILE A 170 -8.42 -3.38 4.03
CA ILE A 170 -9.75 -3.87 4.38
C ILE A 170 -10.76 -3.14 3.50
N LYS A 171 -11.46 -3.89 2.66
CA LYS A 171 -12.26 -3.29 1.59
C LYS A 171 -13.77 -3.28 1.83
N GLU A 172 -14.27 -4.22 2.63
CA GLU A 172 -15.70 -4.35 2.90
C GLU A 172 -15.98 -4.81 4.33
N LEU A 173 -15.74 -3.92 5.29
CA LEU A 173 -15.85 -4.21 6.73
C LEU A 173 -17.24 -4.63 7.23
N VAL A 174 -18.28 -4.17 6.53
CA VAL A 174 -19.64 -4.27 7.04
C VAL A 174 -20.62 -4.90 6.02
N SER A 175 -21.46 -5.81 6.51
CA SER A 175 -22.51 -6.44 5.69
C SER A 175 -23.79 -5.59 5.69
N ASP A 176 -24.95 -6.25 5.73
CA ASP A 176 -26.25 -5.55 5.69
C ASP A 176 -26.66 -5.04 7.06
N LEU A 177 -26.65 -3.72 7.24
CA LEU A 177 -26.97 -3.12 8.53
C LEU A 177 -28.46 -2.92 8.70
N ASP A 178 -28.93 -3.10 9.93
CA ASP A 178 -30.35 -2.94 10.24
C ASP A 178 -30.81 -1.50 10.06
N LYS A 179 -32.04 -1.32 9.59
CA LYS A 179 -32.61 0.01 9.35
C LYS A 179 -32.71 0.83 10.62
N ARG A 180 -32.95 0.14 11.75
CA ARG A 180 -33.13 0.77 13.07
C ARG A 180 -31.84 1.12 13.80
N THR A 181 -30.69 0.90 13.16
CA THR A 181 -29.38 1.22 13.74
C THR A 181 -29.29 2.68 14.19
N LEU A 182 -28.94 2.87 15.45
CA LEU A 182 -28.66 4.21 15.98
C LEU A 182 -27.18 4.53 15.91
N MET A 183 -26.34 3.55 16.21
CA MET A 183 -24.90 3.74 16.25
C MET A 183 -24.13 2.44 16.03
N VAL A 184 -23.19 2.46 15.09
CA VAL A 184 -22.23 1.37 14.94
C VAL A 184 -20.84 1.85 15.30
N LEU A 185 -20.18 1.10 16.18
CA LEU A 185 -18.75 1.27 16.46
C LEU A 185 -17.97 0.28 15.60
N VAL A 186 -17.01 0.81 14.84
CA VAL A 186 -16.27 0.04 13.86
C VAL A 186 -14.80 0.02 14.27
N ASN A 187 -14.15 -1.13 14.15
CA ASN A 187 -12.79 -1.31 14.64
C ASN A 187 -12.07 -2.38 13.83
N TYR A 188 -10.80 -2.10 13.52
CA TYR A 188 -9.99 -2.99 12.71
C TYR A 188 -8.55 -3.02 13.22
N ILE A 189 -7.86 -4.11 12.84
CA ILE A 189 -6.41 -4.24 13.06
C ILE A 189 -5.79 -5.17 12.00
N TYR A 190 -4.62 -4.79 11.53
CA TYR A 190 -3.82 -5.69 10.70
C TYR A 190 -2.38 -5.31 10.95
N PHE A 191 -1.45 -6.14 10.52
CA PHE A 191 -0.07 -5.83 10.81
C PHE A 191 0.95 -6.38 9.81
N LYS A 192 2.12 -5.76 9.81
CA LYS A 192 3.19 -6.17 8.94
C LYS A 192 4.48 -6.21 9.77
N ALA A 193 5.26 -7.28 9.58
CA ALA A 193 6.47 -7.51 10.36
C ALA A 193 7.29 -8.60 9.67
N LYS A 194 8.56 -8.71 10.06
CA LYS A 194 9.47 -9.69 9.46
C LYS A 194 10.08 -10.54 10.54
N TRP A 195 10.16 -11.85 10.29
CA TRP A 195 10.78 -12.80 11.23
C TRP A 195 12.26 -12.49 11.42
N LYS A 196 12.74 -12.60 12.65
CA LYS A 196 14.17 -12.50 12.92
C LYS A 196 14.88 -13.61 12.15
N VAL A 197 14.30 -14.80 12.16
CA VAL A 197 14.76 -15.95 11.37
C VAL A 197 13.67 -16.36 10.37
N PRO A 198 13.78 -15.92 9.11
CA PRO A 198 12.76 -16.28 8.11
C PRO A 198 12.77 -17.75 7.72
N PHE A 199 11.64 -18.21 7.19
CA PHE A 199 11.55 -19.53 6.61
C PHE A 199 12.00 -19.41 5.15
N ASP A 200 12.73 -20.40 4.65
CA ASP A 200 13.05 -20.50 3.23
C ASP A 200 11.82 -21.06 2.55
N PRO A 201 11.24 -20.31 1.59
CA PRO A 201 10.02 -20.74 0.89
C PRO A 201 10.18 -22.05 0.11
N LEU A 202 11.42 -22.40 -0.20
CA LEU A 202 11.71 -23.66 -0.88
C LEU A 202 11.48 -24.86 0.06
N ASP A 203 11.47 -24.59 1.37
CA ASP A 203 11.16 -25.61 2.38
C ASP A 203 9.67 -25.77 2.69
N THR A 204 8.83 -24.88 2.14
CA THR A 204 7.38 -24.98 2.31
C THR A 204 6.84 -26.13 1.46
N PHE A 205 6.01 -26.95 2.08
CA PHE A 205 5.51 -28.17 1.47
C PHE A 205 4.10 -28.40 1.95
N LYS A 206 3.39 -29.29 1.26
CA LYS A 206 2.03 -29.64 1.62
C LYS A 206 2.06 -30.70 2.71
N SER A 207 1.43 -30.42 3.85
CA SER A 207 1.38 -31.39 4.93
C SER A 207 -0.02 -31.48 5.49
N GLU A 208 -0.33 -32.61 6.13
CA GLU A 208 -1.61 -32.77 6.79
C GLU A 208 -1.67 -31.97 8.08
N PHE A 209 -2.75 -31.19 8.21
CA PHE A 209 -3.14 -30.61 9.47
C PHE A 209 -4.26 -31.41 10.10
N TYR A 210 -4.07 -31.86 11.34
CA TYR A 210 -5.03 -32.74 11.97
C TYR A 210 -6.16 -31.94 12.59
N CYS A 211 -7.10 -31.55 11.73
CA CYS A 211 -8.17 -30.68 12.12
C CYS A 211 -9.40 -31.37 12.74
N GLY A 212 -9.39 -32.70 12.77
CA GLY A 212 -10.51 -33.48 13.30
C GLY A 212 -11.74 -33.38 12.41
N LYS A 213 -11.52 -33.30 11.10
CA LYS A 213 -12.60 -33.25 10.10
C LYS A 213 -12.93 -34.65 9.58
N ARG A 214 -14.00 -34.74 8.78
CA ARG A 214 -14.39 -35.96 8.10
C ARG A 214 -13.31 -36.38 7.09
N ARG A 215 -12.86 -35.42 6.27
CA ARG A 215 -11.76 -35.66 5.34
C ARG A 215 -10.43 -35.06 5.85
N PRO A 216 -9.30 -35.67 5.48
CA PRO A 216 -7.95 -35.11 5.75
C PRO A 216 -7.81 -33.68 5.25
N VAL A 217 -7.11 -32.84 6.02
CA VAL A 217 -6.89 -31.46 5.63
C VAL A 217 -5.41 -31.26 5.35
N ILE A 218 -5.10 -30.90 4.11
CA ILE A 218 -3.73 -30.70 3.62
C ILE A 218 -3.48 -29.21 3.41
N VAL A 219 -2.43 -28.69 4.05
CA VAL A 219 -2.16 -27.25 4.05
C VAL A 219 -0.68 -26.96 3.74
N PRO A 220 -0.37 -25.72 3.26
CA PRO A 220 1.02 -25.25 3.14
C PRO A 220 1.73 -25.19 4.48
N MET A 221 2.77 -26.01 4.62
CA MET A 221 3.53 -26.09 5.85
C MET A 221 4.94 -25.56 5.60
N MET A 222 5.29 -24.53 6.35
CA MET A 222 6.62 -24.00 6.34
C MET A 222 7.47 -24.84 7.28
N SER A 223 8.77 -24.88 7.05
CA SER A 223 9.65 -25.63 7.92
C SER A 223 11.06 -25.07 7.87
N MET A 224 11.74 -25.18 8.98
CA MET A 224 13.15 -24.84 9.06
C MET A 224 13.86 -25.80 10.01
N GLU A 225 15.18 -25.77 9.96
CA GLU A 225 16.02 -26.61 10.79
C GLU A 225 16.96 -25.78 11.63
N ASP A 226 17.41 -26.38 12.73
CA ASP A 226 18.42 -25.78 13.58
C ASP A 226 18.06 -24.34 13.90
N LEU A 227 16.85 -24.14 14.42
CA LEU A 227 16.43 -22.86 14.92
C LEU A 227 16.81 -22.75 16.40
N THR A 228 17.51 -21.69 16.74
CA THR A 228 17.70 -21.30 18.13
C THR A 228 16.68 -20.22 18.47
N THR A 229 15.78 -20.53 19.39
CA THR A 229 14.67 -19.64 19.76
C THR A 229 14.22 -19.97 21.19
N PRO A 230 13.56 -19.03 21.88
CA PRO A 230 13.07 -19.34 23.23
C PRO A 230 11.99 -20.43 23.23
N TYR A 231 12.10 -21.37 24.16
CA TYR A 231 11.28 -22.57 24.20
C TYR A 231 10.95 -22.88 25.64
N PHE A 232 9.75 -23.42 25.86
CA PHE A 232 9.40 -23.97 27.17
C PHE A 232 8.43 -25.13 27.01
N ARG A 233 8.79 -26.28 27.56
CA ARG A 233 7.88 -27.40 27.69
C ARG A 233 7.16 -27.34 29.03
N ASP A 234 5.85 -27.12 28.98
CA ASP A 234 5.03 -26.99 30.18
C ASP A 234 4.36 -28.32 30.50
N GLU A 235 4.97 -29.08 31.40
CA GLU A 235 4.50 -30.42 31.71
C GLU A 235 3.20 -30.43 32.50
N GLU A 236 2.96 -29.40 33.31
CA GLU A 236 1.71 -29.25 34.07
C GLU A 236 0.51 -29.04 33.15
N LEU A 237 0.67 -28.18 32.15
CA LEU A 237 -0.41 -27.83 31.26
C LEU A 237 -0.36 -28.61 29.94
N SER A 238 0.60 -29.52 29.82
CA SER A 238 0.70 -30.44 28.68
C SER A 238 0.72 -29.69 27.35
N CYS A 239 1.61 -28.71 27.26
CA CYS A 239 1.78 -27.95 26.03
C CYS A 239 3.22 -27.49 25.89
N THR A 240 3.58 -27.18 24.64
CA THR A 240 4.89 -26.68 24.28
C THR A 240 4.73 -25.23 23.85
N VAL A 241 5.61 -24.37 24.36
CA VAL A 241 5.57 -22.95 24.05
C VAL A 241 6.86 -22.56 23.29
N VAL A 242 6.68 -21.98 22.11
CA VAL A 242 7.79 -21.53 21.28
C VAL A 242 7.57 -20.05 20.98
N GLU A 243 8.59 -19.23 21.25
CA GLU A 243 8.55 -17.82 20.89
C GLU A 243 9.35 -17.60 19.62
N LEU A 244 8.70 -17.03 18.60
CA LEU A 244 9.36 -16.57 17.38
C LEU A 244 9.41 -15.06 17.34
N LYS A 245 10.63 -14.52 17.26
CA LYS A 245 10.84 -13.11 17.26
C LYS A 245 10.69 -12.50 15.87
N TYR A 246 10.09 -11.32 15.83
CA TYR A 246 10.12 -10.47 14.65
C TYR A 246 11.34 -9.55 14.81
N THR A 247 11.76 -8.90 13.73
CA THR A 247 12.94 -8.04 13.75
C THR A 247 12.77 -6.76 14.57
N GLY A 248 11.55 -6.23 14.66
CA GLY A 248 11.32 -5.04 15.48
C GLY A 248 11.00 -5.34 16.92
N ASN A 249 10.30 -4.43 17.58
CA ASN A 249 9.84 -4.64 18.95
C ASN A 249 8.56 -5.47 19.05
N ALA A 250 8.64 -6.73 18.65
CA ALA A 250 7.45 -7.59 18.59
C ALA A 250 7.83 -9.06 18.64
N SER A 251 6.93 -9.89 19.15
CA SER A 251 7.19 -11.32 19.11
C SER A 251 5.91 -12.10 19.02
N ALA A 252 6.01 -13.32 18.52
CA ALA A 252 4.89 -14.21 18.43
C ALA A 252 5.15 -15.36 19.37
N LEU A 253 4.18 -15.63 20.23
CA LEU A 253 4.20 -16.76 21.14
C LEU A 253 3.21 -17.81 20.61
N PHE A 254 3.73 -19.01 20.36
CA PHE A 254 2.97 -20.10 19.79
C PHE A 254 2.86 -21.18 20.84
N ILE A 255 1.62 -21.55 21.18
CA ILE A 255 1.35 -22.56 22.21
C ILE A 255 0.72 -23.81 21.57
N LEU A 256 1.42 -24.94 21.64
CA LEU A 256 0.91 -26.19 21.05
C LEU A 256 0.47 -27.18 22.15
N PRO A 257 -0.84 -27.27 22.45
CA PRO A 257 -1.26 -28.31 23.40
C PRO A 257 -0.94 -29.70 22.88
N ASP A 258 -0.61 -30.61 23.80
CA ASP A 258 -0.45 -32.01 23.49
C ASP A 258 -1.74 -32.54 22.88
N GLN A 259 -1.61 -33.66 22.20
CA GLN A 259 -2.74 -34.33 21.60
C GLN A 259 -3.82 -34.56 22.67
N GLY A 260 -4.99 -33.96 22.45
CA GLY A 260 -6.11 -34.12 23.35
C GLY A 260 -6.32 -33.02 24.38
N ARG A 261 -5.35 -32.10 24.50
CA ARG A 261 -5.27 -31.20 25.65
C ARG A 261 -5.63 -29.74 25.38
N MET A 262 -6.22 -29.47 24.23
CA MET A 262 -6.56 -28.10 23.85
C MET A 262 -7.51 -27.42 24.83
N GLN A 263 -8.59 -28.12 25.17
CA GLN A 263 -9.64 -27.58 26.05
C GLN A 263 -9.05 -27.18 27.41
N GLN A 264 -8.19 -28.05 27.96
CA GLN A 264 -7.52 -27.79 29.22
C GLN A 264 -6.55 -26.60 29.12
N VAL A 265 -5.85 -26.47 28.00
CA VAL A 265 -4.94 -25.34 27.86
C VAL A 265 -5.77 -24.05 27.78
N GLU A 266 -6.86 -24.08 27.01
CA GLU A 266 -7.77 -22.93 26.91
C GLU A 266 -8.35 -22.52 28.25
N ALA A 267 -8.56 -23.50 29.14
CA ALA A 267 -9.15 -23.24 30.45
C ALA A 267 -8.11 -22.60 31.39
N SER A 268 -6.85 -22.92 31.18
CA SER A 268 -5.77 -22.43 32.04
C SER A 268 -5.27 -21.03 31.68
N LEU A 269 -5.78 -20.45 30.60
CA LEU A 269 -5.33 -19.13 30.16
C LEU A 269 -5.78 -18.04 31.12
N GLN A 270 -4.79 -17.44 31.79
CA GLN A 270 -4.97 -16.38 32.77
C GLN A 270 -3.65 -15.61 32.72
N PRO A 271 -3.64 -14.34 33.17
CA PRO A 271 -2.38 -13.59 33.16
C PRO A 271 -1.23 -14.30 33.90
N GLU A 272 -1.56 -15.03 34.98
CA GLU A 272 -0.56 -15.80 35.75
C GLU A 272 0.13 -16.92 34.92
N THR A 273 -0.64 -17.62 34.11
CA THR A 273 -0.12 -18.67 33.23
C THR A 273 0.81 -18.07 32.19
N LEU A 274 0.36 -16.98 31.59
CA LEU A 274 1.15 -16.29 30.61
C LEU A 274 2.46 -15.77 31.22
N ARG A 275 2.38 -15.21 32.43
CA ARG A 275 3.58 -14.78 33.17
C ARG A 275 4.52 -15.98 33.41
N LYS A 276 3.96 -17.11 33.83
CA LYS A 276 4.74 -18.33 34.02
C LYS A 276 5.47 -18.73 32.74
N TRP A 277 4.75 -18.77 31.62
CA TRP A 277 5.38 -19.12 30.34
C TRP A 277 6.51 -18.17 30.01
N LYS A 278 6.24 -16.88 30.15
CA LYS A 278 7.22 -15.84 29.84
C LYS A 278 8.46 -15.85 30.76
N ASN A 279 8.27 -16.19 32.03
CA ASN A 279 9.39 -16.39 32.96
C ASN A 279 10.20 -17.64 32.67
N SER A 280 9.52 -18.68 32.17
CA SER A 280 10.14 -20.00 31.96
C SER A 280 10.77 -20.24 30.58
N LEU A 281 10.56 -19.33 29.63
CA LEU A 281 11.16 -19.45 28.31
C LEU A 281 12.69 -19.40 28.38
N LYS A 282 13.35 -20.29 27.65
CA LYS A 282 14.82 -20.34 27.55
C LYS A 282 15.15 -20.66 26.10
N PRO A 283 16.23 -20.06 25.58
CA PRO A 283 16.76 -20.41 24.26
C PRO A 283 17.04 -21.92 24.16
N ARG A 284 16.52 -22.52 23.09
CA ARG A 284 16.64 -23.95 22.86
C ARG A 284 16.90 -24.14 21.37
N MET A 285 17.63 -25.20 21.03
CA MET A 285 17.91 -25.56 19.65
C MET A 285 16.80 -26.49 19.19
N ILE A 286 15.95 -26.00 18.30
CA ILE A 286 14.90 -26.81 17.71
C ILE A 286 15.40 -27.35 16.38
N ASP A 287 15.58 -28.66 16.31
CA ASP A 287 16.19 -29.29 15.15
C ASP A 287 15.33 -29.19 13.90
N GLU A 288 14.02 -29.29 14.05
CA GLU A 288 13.07 -29.07 12.95
C GLU A 288 11.79 -28.44 13.48
N LEU A 289 11.36 -27.36 12.83
CA LEU A 289 10.13 -26.64 13.14
C LEU A 289 9.21 -26.66 11.94
N HIS A 290 7.97 -27.07 12.12
CA HIS A 290 6.96 -27.01 11.06
C HIS A 290 5.84 -26.06 11.52
N LEU A 291 5.59 -25.01 10.75
CA LEU A 291 4.54 -24.05 11.06
C LEU A 291 3.69 -23.76 9.81
N PRO A 292 2.34 -23.91 9.92
CA PRO A 292 1.49 -23.57 8.79
C PRO A 292 1.60 -22.12 8.36
N LYS A 293 1.47 -21.92 7.05
CA LYS A 293 1.43 -20.62 6.40
C LYS A 293 -0.06 -20.33 6.21
N PHE A 294 -0.53 -19.19 6.72
CA PHE A 294 -1.96 -18.87 6.65
C PHE A 294 -2.23 -17.38 6.73
N SER A 295 -3.39 -16.99 6.23
CA SER A 295 -3.90 -15.65 6.37
C SER A 295 -5.35 -15.74 6.85
N ILE A 296 -5.57 -15.40 8.12
CA ILE A 296 -6.90 -15.55 8.71
C ILE A 296 -7.46 -14.19 9.10
N SER A 297 -8.65 -13.88 8.59
CA SER A 297 -9.37 -12.69 9.02
C SER A 297 -10.68 -13.08 9.67
N THR A 298 -11.08 -12.34 10.69
CA THR A 298 -12.35 -12.60 11.35
C THR A 298 -13.23 -11.37 11.41
N ASP A 299 -14.53 -11.61 11.50
CA ASP A 299 -15.52 -10.56 11.68
C ASP A 299 -16.33 -10.93 12.90
N TYR A 300 -16.41 -10.01 13.84
CA TYR A 300 -17.25 -10.22 15.02
C TYR A 300 -18.19 -9.04 15.20
N SER A 301 -19.45 -9.36 15.49
CA SER A 301 -20.38 -8.40 16.06
C SER A 301 -20.39 -8.70 17.58
N LEU A 302 -19.78 -7.82 18.35
CA LEU A 302 -19.35 -8.17 19.70
C LEU A 302 -20.32 -7.92 20.86
N GLU A 303 -21.52 -7.41 20.58
N GLU A 303 -21.52 -7.38 20.59
CA GLU A 303 -22.51 -7.09 21.63
CA GLU A 303 -22.47 -7.08 21.68
C GLU A 303 -22.78 -8.20 22.64
C GLU A 303 -22.67 -8.24 22.67
N ASP A 304 -23.01 -9.42 22.15
CA ASP A 304 -23.31 -10.57 23.01
C ASP A 304 -22.21 -10.94 23.99
N VAL A 305 -20.99 -11.09 23.47
CA VAL A 305 -19.86 -11.48 24.32
C VAL A 305 -19.47 -10.35 25.27
N LEU A 306 -19.56 -9.10 24.81
CA LEU A 306 -19.32 -7.94 25.68
C LEU A 306 -20.36 -7.83 26.81
N SER A 307 -21.62 -8.15 26.51
CA SER A 307 -22.67 -8.24 27.54
C SER A 307 -22.30 -9.28 28.58
N LYS A 308 -21.79 -10.44 28.14
CA LYS A 308 -21.34 -11.48 29.06
C LYS A 308 -20.14 -11.05 29.91
N LEU A 309 -19.37 -10.06 29.46
CA LEU A 309 -18.29 -9.50 30.27
C LEU A 309 -18.79 -8.36 31.16
N GLY A 310 -20.09 -8.12 31.14
CA GLY A 310 -20.69 -7.12 32.02
C GLY A 310 -20.77 -5.71 31.47
N ILE A 311 -20.56 -5.55 30.16
CA ILE A 311 -20.79 -4.27 29.49
C ILE A 311 -22.19 -4.30 28.88
N ARG A 312 -23.18 -3.72 29.57
CA ARG A 312 -24.58 -3.90 29.17
C ARG A 312 -25.34 -2.60 28.97
N GLU A 313 -25.21 -1.67 29.90
CA GLU A 313 -26.05 -0.47 29.85
C GLU A 313 -25.89 0.27 28.51
N VAL A 314 -24.63 0.37 28.04
CA VAL A 314 -24.32 1.04 26.77
C VAL A 314 -25.15 0.56 25.55
N PHE A 315 -25.70 -0.64 25.62
CA PHE A 315 -26.48 -1.22 24.54
C PHE A 315 -28.00 -1.08 24.78
N SER A 316 -28.38 -0.54 25.93
CA SER A 316 -29.75 -0.67 26.43
C SER A 316 -30.48 0.65 26.33
N THR A 317 -31.78 0.65 26.66
CA THR A 317 -32.57 1.87 26.69
C THR A 317 -32.07 2.83 27.77
N GLN A 318 -31.28 2.30 28.71
CA GLN A 318 -30.76 3.07 29.82
C GLN A 318 -29.38 3.69 29.57
N ALA A 319 -28.86 3.50 28.36
CA ALA A 319 -27.57 4.07 27.92
C ALA A 319 -27.47 5.57 28.18
N ASP A 320 -26.37 5.99 28.77
CA ASP A 320 -26.09 7.43 28.87
C ASP A 320 -24.91 7.77 27.98
N LEU A 321 -25.19 8.22 26.76
CA LEU A 321 -24.15 8.66 25.83
C LEU A 321 -24.34 10.14 25.59
N SER A 322 -24.81 10.86 26.61
CA SER A 322 -25.09 12.28 26.54
C SER A 322 -23.87 13.16 26.26
N ALA A 323 -22.67 12.64 26.51
CA ALA A 323 -21.46 13.38 26.15
C ALA A 323 -21.12 13.24 24.66
N ILE A 324 -21.86 12.39 23.93
CA ILE A 324 -21.76 12.38 22.46
C ILE A 324 -22.78 13.32 21.79
N THR A 325 -24.03 13.29 22.26
CA THR A 325 -25.16 13.93 21.57
C THR A 325 -25.82 15.09 22.33
N GLY A 326 -25.55 15.16 23.63
CA GLY A 326 -26.29 16.08 24.49
C GLY A 326 -27.72 15.68 24.77
N THR A 327 -28.10 14.45 24.37
CA THR A 327 -29.41 13.86 24.64
C THR A 327 -29.17 12.49 25.27
N LYS A 328 -30.26 11.80 25.61
CA LYS A 328 -30.19 10.42 26.07
C LYS A 328 -30.75 9.47 25.01
N ASP A 329 -30.74 9.89 23.75
CA ASP A 329 -31.36 9.11 22.67
C ASP A 329 -30.42 8.09 22.04
N LEU A 330 -29.14 8.17 22.34
CA LEU A 330 -28.17 7.31 21.68
C LEU A 330 -27.81 6.06 22.49
N ARG A 331 -27.61 4.95 21.78
CA ARG A 331 -27.05 3.73 22.37
C ARG A 331 -26.29 3.01 21.28
N VAL A 332 -25.37 2.14 21.67
CA VAL A 332 -24.60 1.37 20.69
C VAL A 332 -25.47 0.25 20.18
N SER A 333 -25.63 0.17 18.87
CA SER A 333 -26.44 -0.86 18.25
C SER A 333 -25.56 -2.06 17.87
N GLN A 334 -24.38 -1.79 17.30
CA GLN A 334 -23.44 -2.84 16.93
C GLN A 334 -22.02 -2.42 17.19
N VAL A 335 -21.19 -3.38 17.56
CA VAL A 335 -19.75 -3.22 17.69
C VAL A 335 -19.14 -4.19 16.71
N VAL A 336 -18.51 -3.67 15.67
CA VAL A 336 -17.94 -4.54 14.64
C VAL A 336 -16.42 -4.52 14.71
N HIS A 337 -15.84 -5.71 14.77
CA HIS A 337 -14.40 -5.88 14.88
C HIS A 337 -13.87 -6.80 13.78
N LYS A 338 -12.90 -6.31 13.00
CA LYS A 338 -12.18 -7.16 12.04
C LYS A 338 -10.71 -7.21 12.37
N ALA A 339 -10.18 -8.43 12.55
CA ALA A 339 -8.76 -8.63 12.76
C ALA A 339 -8.22 -9.47 11.60
N VAL A 340 -7.05 -9.11 11.11
CA VAL A 340 -6.40 -9.93 10.06
C VAL A 340 -5.02 -10.32 10.59
N LEU A 341 -4.78 -11.62 10.61
CA LEU A 341 -3.47 -12.16 11.01
C LEU A 341 -2.89 -13.01 9.88
N ASP A 342 -1.68 -12.65 9.43
CA ASP A 342 -1.01 -13.41 8.38
C ASP A 342 0.25 -14.04 8.96
N VAL A 343 0.47 -15.31 8.60
CA VAL A 343 1.73 -15.98 8.93
C VAL A 343 2.28 -16.63 7.69
N ALA A 344 3.47 -16.16 7.30
CA ALA A 344 4.18 -16.66 6.12
C ALA A 344 5.71 -16.60 6.32
N GLU A 345 6.47 -16.82 5.23
CA GLU A 345 7.88 -17.15 5.34
C GLU A 345 8.74 -16.00 5.81
N THR A 346 8.42 -14.80 5.33
CA THR A 346 9.21 -13.63 5.62
C THR A 346 8.76 -12.95 6.93
N GLY A 347 7.55 -13.26 7.38
CA GLY A 347 6.97 -12.76 8.66
C GLY A 347 5.46 -12.79 8.57
N THR A 348 4.88 -11.68 8.12
CA THR A 348 3.49 -11.61 7.69
C THR A 348 3.36 -11.82 6.17
N GLU A 349 4.43 -11.52 5.46
CA GLU A 349 4.45 -11.57 3.99
C GLU A 349 5.09 -12.86 3.47
N ALA A 350 4.47 -13.46 2.46
CA ALA A 350 5.01 -14.67 1.81
C ALA A 350 6.28 -14.34 1.00
N ALA A 351 7.20 -15.30 0.93
CA ALA A 351 8.46 -15.14 0.18
C ALA A 351 8.32 -15.88 -1.14
N ALA A 352 8.94 -15.33 -2.18
CA ALA A 352 8.93 -15.96 -3.50
C ALA A 352 9.94 -17.11 -3.56
N ALA A 353 9.54 -18.24 -4.16
CA ALA A 353 10.38 -19.44 -4.26
C ALA A 353 10.74 -19.78 -5.72
N THR A 354 12.01 -20.14 -5.94
CA THR A 354 12.51 -20.57 -7.25
C THR A 354 13.28 -21.89 -7.15
N GLY A 355 12.88 -22.87 -7.95
CA GLY A 355 13.66 -24.11 -8.09
C GLY A 355 13.25 -25.24 -7.16
N VAL A 356 14.18 -26.15 -6.87
CA VAL A 356 13.92 -27.32 -6.03
C VAL A 356 15.08 -27.54 -5.06
N LYS A 357 14.75 -27.62 -3.77
CA LYS A 357 15.78 -27.77 -2.73
C LYS A 357 16.01 -29.26 -2.41
N PHE A 358 17.28 -29.66 -2.34
CA PHE A 358 17.65 -30.99 -1.84
C PHE A 358 17.66 -30.96 -0.32
N VAL A 359 16.85 -31.84 0.28
CA VAL A 359 16.76 -31.94 1.73
C VAL A 359 17.42 -33.23 2.21
N PRO A 360 18.68 -33.15 2.70
CA PRO A 360 19.34 -34.36 3.18
C PRO A 360 18.91 -34.69 4.60
N MET A 361 18.59 -35.96 4.85
CA MET A 361 18.29 -36.43 6.20
C MET A 361 19.51 -36.20 7.10
N SER A 362 19.28 -35.66 8.30
CA SER A 362 20.37 -35.42 9.26
C SER A 362 20.75 -36.70 10.02
N ALA A 363 22.02 -36.77 10.41
CA ALA A 363 22.50 -37.87 11.23
C ALA A 363 21.92 -37.79 12.63
N LYS A 364 21.63 -36.56 13.07
CA LYS A 364 21.18 -36.22 14.42
C LYS A 364 20.37 -37.30 15.12
N LEU A 365 20.85 -37.71 16.30
CA LEU A 365 20.33 -38.91 16.95
C LEU A 365 18.99 -38.72 17.69
N TYR A 366 18.90 -37.68 18.53
CA TYR A 366 17.68 -37.45 19.30
C TYR A 366 17.17 -36.06 19.03
N PRO A 367 16.71 -35.80 17.78
CA PRO A 367 16.42 -34.42 17.41
C PRO A 367 15.16 -33.92 18.11
N LEU A 368 15.21 -32.64 18.51
CA LEU A 368 14.02 -31.95 19.01
C LEU A 368 13.17 -31.39 17.87
N THR A 369 11.96 -31.90 17.71
CA THR A 369 11.10 -31.41 16.65
C THR A 369 9.84 -30.78 17.24
N VAL A 370 9.34 -29.72 16.60
CA VAL A 370 8.07 -29.11 17.03
C VAL A 370 7.28 -28.85 15.78
N TYR A 371 6.16 -29.56 15.64
CA TYR A 371 5.35 -29.53 14.42
C TYR A 371 3.98 -29.03 14.75
N PHE A 372 3.64 -27.83 14.28
CA PHE A 372 2.35 -27.25 14.56
C PHE A 372 1.35 -27.74 13.53
N ASN A 373 1.01 -29.03 13.59
CA ASN A 373 0.08 -29.65 12.63
C ASN A 373 -1.19 -30.15 13.30
N ARG A 374 -1.53 -29.50 14.41
CA ARG A 374 -2.81 -29.69 15.07
C ARG A 374 -3.16 -28.37 15.77
N PRO A 375 -4.41 -28.21 16.21
CA PRO A 375 -4.78 -26.89 16.71
C PRO A 375 -3.79 -26.28 17.73
N PHE A 376 -3.51 -25.00 17.56
CA PHE A 376 -2.58 -24.28 18.45
C PHE A 376 -3.08 -22.86 18.63
N LEU A 377 -2.44 -22.13 19.56
CA LEU A 377 -2.82 -20.77 19.90
C LEU A 377 -1.64 -19.87 19.59
N ILE A 378 -1.94 -18.63 19.22
CA ILE A 378 -0.89 -17.64 19.00
C ILE A 378 -1.21 -16.37 19.76
N MET A 379 -0.19 -15.74 20.33
CA MET A 379 -0.34 -14.40 20.86
C MET A 379 0.80 -13.55 20.36
N ILE A 380 0.47 -12.40 19.79
CA ILE A 380 1.47 -11.43 19.31
C ILE A 380 1.67 -10.33 20.35
N PHE A 381 2.92 -10.04 20.67
CA PHE A 381 3.23 -9.06 21.71
C PHE A 381 4.01 -7.87 21.21
N ASP A 382 3.66 -6.69 21.73
CA ASP A 382 4.51 -5.53 21.65
C ASP A 382 5.50 -5.64 22.78
N THR A 383 6.77 -5.78 22.47
CA THR A 383 7.77 -6.12 23.49
C THR A 383 8.09 -4.96 24.44
N GLU A 384 7.85 -3.73 24.00
CA GLU A 384 8.04 -2.59 24.88
C GLU A 384 7.07 -2.59 26.07
N THR A 385 5.81 -2.96 25.84
CA THR A 385 4.81 -2.95 26.91
C THR A 385 4.31 -4.33 27.36
N GLU A 386 4.40 -5.32 26.47
CA GLU A 386 3.83 -6.66 26.71
C GLU A 386 2.31 -6.72 26.52
N ILE A 387 1.74 -5.69 25.89
CA ILE A 387 0.34 -5.72 25.50
C ILE A 387 0.30 -6.62 24.26
N ALA A 388 -0.79 -7.36 24.10
CA ALA A 388 -0.96 -8.25 22.95
C ALA A 388 -1.87 -7.63 21.92
N PRO A 389 -1.31 -7.15 20.80
CA PRO A 389 -2.19 -6.78 19.66
C PRO A 389 -3.07 -7.89 19.05
N PHE A 390 -2.68 -9.16 19.19
CA PHE A 390 -3.46 -10.26 18.61
C PHE A 390 -3.45 -11.45 19.55
N ILE A 391 -4.57 -12.15 19.58
CA ILE A 391 -4.68 -13.45 20.24
C ILE A 391 -5.45 -14.30 19.24
N ALA A 392 -5.01 -15.53 18.98
CA ALA A 392 -5.65 -16.37 17.96
C ALA A 392 -5.65 -17.83 18.38
N LYS A 393 -6.65 -18.55 17.91
CA LYS A 393 -6.58 -20.00 17.91
C LYS A 393 -6.68 -20.45 16.48
N ILE A 394 -5.70 -21.23 16.06
CA ILE A 394 -5.68 -21.79 14.73
C ILE A 394 -6.19 -23.23 14.84
N ALA A 395 -7.48 -23.40 14.59
CA ALA A 395 -8.14 -24.72 14.61
C ALA A 395 -8.00 -25.42 13.26
N ASN A 396 -7.93 -24.62 12.19
CA ASN A 396 -7.81 -25.10 10.82
C ASN A 396 -7.30 -23.95 9.95
N PRO A 397 -6.05 -24.03 9.48
CA PRO A 397 -5.44 -22.94 8.72
C PRO A 397 -5.68 -23.01 7.21
N LYS A 398 -6.48 -23.97 6.77
CA LYS A 398 -6.76 -24.18 5.33
C LYS A 398 -7.42 -22.96 4.70
N LEU B 22 14.22 26.51 -4.08
CA LEU B 22 14.22 25.02 -4.32
C LEU B 22 15.08 24.70 -5.54
N ASP B 23 16.24 24.08 -5.29
CA ASP B 23 17.17 23.80 -6.37
C ASP B 23 16.77 22.57 -7.19
N SER B 24 17.42 22.38 -8.34
CA SER B 24 17.04 21.35 -9.29
C SER B 24 17.15 19.92 -8.74
N LEU B 25 18.16 19.66 -7.93
CA LEU B 25 18.37 18.35 -7.33
C LEU B 25 17.28 17.97 -6.31
N THR B 26 16.87 18.94 -5.51
CA THR B 26 15.77 18.80 -4.57
C THR B 26 14.44 18.55 -5.30
N LEU B 27 14.17 19.35 -6.33
CA LEU B 27 13.01 19.15 -7.17
C LEU B 27 12.98 17.72 -7.73
N ALA B 28 14.12 17.27 -8.28
CA ALA B 28 14.27 15.89 -8.79
C ALA B 28 13.97 14.81 -7.74
N SER B 29 14.46 15.04 -6.52
CA SER B 29 14.25 14.14 -5.40
C SER B 29 12.76 14.02 -5.02
N ILE B 30 12.11 15.17 -4.93
CA ILE B 30 10.67 15.26 -4.69
C ILE B 30 9.91 14.55 -5.80
N ASN B 31 10.26 14.84 -7.05
CA ASN B 31 9.62 14.21 -8.19
C ASN B 31 9.75 12.68 -8.24
N THR B 32 10.87 12.15 -7.74
CA THR B 32 11.09 10.70 -7.70
C THR B 32 10.28 10.02 -6.59
N ASP B 33 10.12 10.71 -5.46
CA ASP B 33 9.21 10.23 -4.42
C ASP B 33 7.81 10.11 -5.01
N PHE B 34 7.32 11.19 -5.64
CA PHE B 34 6.04 11.17 -6.34
C PHE B 34 5.97 10.06 -7.40
N ALA B 35 7.05 9.90 -8.16
CA ALA B 35 7.12 8.87 -9.21
C ALA B 35 6.77 7.48 -8.70
N PHE B 36 7.40 7.07 -7.61
CA PHE B 36 7.19 5.74 -7.08
C PHE B 36 5.86 5.57 -6.36
N SER B 37 5.36 6.63 -5.73
CA SER B 37 4.01 6.63 -5.20
C SER B 37 3.01 6.36 -6.32
N LEU B 38 3.18 7.06 -7.44
CA LEU B 38 2.29 6.97 -8.58
C LEU B 38 2.38 5.61 -9.27
N TYR B 39 3.61 5.12 -9.47
CA TYR B 39 3.83 3.78 -10.00
C TYR B 39 3.03 2.72 -9.22
N LYS B 40 3.15 2.75 -7.90
CA LYS B 40 2.43 1.85 -6.98
C LYS B 40 0.94 1.84 -7.31
N GLU B 41 0.35 3.04 -7.41
CA GLU B 41 -1.08 3.17 -7.69
C GLU B 41 -1.50 2.65 -9.06
N LEU B 42 -0.69 2.94 -10.07
CA LEU B 42 -0.96 2.52 -11.43
C LEU B 42 -0.92 1.00 -11.63
N VAL B 43 0.01 0.32 -10.97
CA VAL B 43 0.08 -1.14 -11.04
C VAL B 43 -1.09 -1.80 -10.30
N LEU B 44 -1.57 -1.16 -9.23
CA LEU B 44 -2.79 -1.67 -8.58
C LEU B 44 -3.99 -1.60 -9.51
N LYS B 45 -4.15 -0.46 -10.20
CA LYS B 45 -5.27 -0.27 -11.15
C LYS B 45 -5.11 -1.10 -12.42
N ASN B 46 -3.88 -1.26 -12.90
CA ASN B 46 -3.60 -1.93 -14.16
C ASN B 46 -2.57 -3.04 -13.99
N PRO B 47 -2.94 -4.13 -13.28
CA PRO B 47 -1.93 -5.14 -13.00
C PRO B 47 -1.54 -5.90 -14.27
N ASP B 48 -0.32 -6.44 -14.27
CA ASP B 48 0.19 -7.30 -15.35
C ASP B 48 0.12 -6.72 -16.77
N THR B 49 0.30 -5.40 -16.89
CA THR B 49 0.24 -4.72 -18.19
C THR B 49 1.32 -3.64 -18.31
N ASN B 50 1.59 -3.18 -19.54
CA ASN B 50 2.55 -2.09 -19.80
C ASN B 50 2.19 -0.84 -19.01
N ILE B 51 3.19 -0.22 -18.42
CA ILE B 51 3.01 1.07 -17.73
C ILE B 51 4.06 2.02 -18.28
N VAL B 52 3.64 3.18 -18.78
CA VAL B 52 4.59 4.22 -19.19
C VAL B 52 4.03 5.56 -18.77
N PHE B 53 4.79 6.34 -18.02
CA PHE B 53 4.31 7.68 -17.64
C PHE B 53 5.52 8.51 -17.31
N SER B 54 5.30 9.81 -17.16
CA SER B 54 6.34 10.75 -16.82
C SER B 54 6.08 11.48 -15.50
N PRO B 55 6.86 11.15 -14.45
CA PRO B 55 6.62 11.90 -13.20
C PRO B 55 6.96 13.37 -13.36
N LEU B 56 7.89 13.69 -14.24
CA LEU B 56 8.29 15.09 -14.51
C LEU B 56 7.13 15.85 -15.16
N SER B 57 6.59 15.27 -16.23
CA SER B 57 5.51 15.82 -17.04
C SER B 57 4.21 15.98 -16.24
N ILE B 58 3.84 14.92 -15.50
CA ILE B 58 2.64 14.93 -14.67
C ILE B 58 2.75 15.95 -13.53
N SER B 59 3.91 16.06 -12.90
CA SER B 59 4.06 17.05 -11.84
C SER B 59 3.99 18.49 -12.36
N ALA B 60 4.58 18.72 -13.53
CA ALA B 60 4.57 20.05 -14.11
C ALA B 60 3.14 20.47 -14.47
N ALA B 61 2.33 19.51 -14.92
CA ALA B 61 0.94 19.78 -15.30
C ALA B 61 0.07 20.12 -14.09
N LEU B 62 0.27 19.39 -12.99
CA LEU B 62 -0.52 19.60 -11.78
C LEU B 62 -0.12 20.90 -11.08
N ALA B 63 1.18 21.21 -11.12
CA ALA B 63 1.70 22.49 -10.63
C ALA B 63 1.16 23.69 -11.44
N LEU B 64 0.89 23.46 -12.72
CA LEU B 64 0.22 24.43 -13.59
C LEU B 64 -1.20 24.73 -13.09
N VAL B 65 -2.00 23.68 -12.86
CA VAL B 65 -3.32 23.83 -12.26
C VAL B 65 -3.26 24.49 -10.88
N SER B 66 -2.25 24.15 -10.08
CA SER B 66 -2.11 24.75 -8.75
C SER B 66 -1.96 26.28 -8.83
N LEU B 67 -1.45 26.76 -9.97
CA LEU B 67 -1.31 28.20 -10.25
C LEU B 67 -2.66 28.92 -10.19
N GLY B 68 -3.73 28.22 -10.53
CA GLY B 68 -5.07 28.80 -10.45
C GLY B 68 -5.83 28.32 -9.22
N ALA B 69 -5.11 27.75 -8.25
CA ALA B 69 -5.74 27.14 -7.09
C ALA B 69 -5.51 27.95 -5.82
N LYS B 70 -6.49 27.92 -4.92
CA LYS B 70 -6.39 28.57 -3.62
C LYS B 70 -6.76 27.61 -2.50
N GLY B 71 -6.28 27.90 -1.29
CA GLY B 71 -6.71 27.18 -0.08
C GLY B 71 -6.37 25.70 -0.06
N ASN B 72 -7.36 24.88 0.29
CA ASN B 72 -7.16 23.45 0.44
C ASN B 72 -7.04 22.74 -0.91
N THR B 73 -7.59 23.37 -1.96
CA THR B 73 -7.44 22.87 -3.32
C THR B 73 -5.98 22.91 -3.69
N LEU B 74 -5.35 24.06 -3.44
CA LEU B 74 -3.96 24.29 -3.76
C LEU B 74 -3.02 23.42 -2.91
N GLU B 75 -3.25 23.43 -1.59
CA GLU B 75 -2.40 22.73 -0.63
C GLU B 75 -2.33 21.22 -0.91
N GLU B 76 -3.48 20.63 -1.22
CA GLU B 76 -3.57 19.20 -1.56
C GLU B 76 -2.79 18.84 -2.84
N ILE B 77 -2.80 19.73 -3.83
CA ILE B 77 -2.08 19.43 -5.06
C ILE B 77 -0.58 19.37 -4.76
N LEU B 78 -0.08 20.42 -4.14
CA LEU B 78 1.35 20.55 -3.85
C LEU B 78 1.88 19.48 -2.88
N GLU B 79 1.11 19.16 -1.86
CA GLU B 79 1.48 18.12 -0.91
C GLU B 79 1.33 16.77 -1.58
N GLY B 80 0.33 16.65 -2.46
CA GLY B 80 0.14 15.46 -3.28
C GLY B 80 1.33 15.15 -4.16
N LEU B 81 1.98 16.21 -4.66
CA LEU B 81 3.17 16.10 -5.49
C LEU B 81 4.46 15.85 -4.70
N LYS B 82 4.32 15.84 -3.36
CA LYS B 82 5.36 15.50 -2.36
C LYS B 82 6.18 16.69 -1.88
N PHE B 83 5.69 17.90 -2.16
CA PHE B 83 6.34 19.09 -1.65
C PHE B 83 6.09 19.30 -0.16
N ASN B 84 7.11 19.85 0.52
CA ASN B 84 7.01 20.19 1.93
C ASN B 84 6.77 21.69 2.07
N LEU B 85 5.52 22.06 2.32
CA LEU B 85 5.10 23.46 2.31
C LEU B 85 5.62 24.31 3.46
N THR B 86 6.21 23.69 4.49
CA THR B 86 6.90 24.45 5.53
C THR B 86 8.31 24.80 5.06
N GLU B 87 8.90 23.93 4.24
CA GLU B 87 10.25 24.12 3.75
C GLU B 87 10.32 24.90 2.44
N THR B 88 9.25 24.84 1.65
CA THR B 88 9.21 25.54 0.37
C THR B 88 7.86 26.19 0.06
N SER B 89 7.91 27.42 -0.45
CA SER B 89 6.69 28.17 -0.74
C SER B 89 6.14 27.81 -2.11
N GLU B 90 4.87 28.15 -2.34
CA GLU B 90 4.23 28.03 -3.64
C GLU B 90 5.08 28.69 -4.74
N ALA B 91 5.48 29.94 -4.53
CA ALA B 91 6.35 30.66 -5.47
C ALA B 91 7.68 29.96 -5.77
N ASP B 92 8.34 29.43 -4.73
CA ASP B 92 9.59 28.70 -4.88
C ASP B 92 9.41 27.51 -5.83
N ILE B 93 8.32 26.76 -5.61
CA ILE B 93 7.99 25.62 -6.43
C ILE B 93 7.82 26.01 -7.90
N HIS B 94 7.00 27.03 -8.15
CA HIS B 94 6.71 27.49 -9.52
C HIS B 94 7.98 27.93 -10.23
N GLN B 95 8.86 28.61 -9.50
CA GLN B 95 10.16 29.01 -10.03
C GLN B 95 11.05 27.81 -10.33
N GLY B 96 11.01 26.82 -9.44
CA GLY B 96 11.72 25.55 -9.65
C GLY B 96 11.29 24.86 -10.92
N PHE B 97 10.00 24.55 -11.02
CA PHE B 97 9.46 23.94 -12.23
C PHE B 97 9.74 24.75 -13.49
N GLY B 98 9.51 26.07 -13.40
CA GLY B 98 9.78 26.98 -14.51
C GLY B 98 11.19 26.93 -15.04
N HIS B 99 12.18 26.91 -14.14
CA HIS B 99 13.59 26.81 -14.52
C HIS B 99 13.90 25.45 -15.14
N LEU B 100 13.26 24.40 -14.63
CA LEU B 100 13.40 23.06 -15.17
C LEU B 100 12.92 22.94 -16.62
N LEU B 101 11.65 23.31 -16.86
CA LEU B 101 11.04 23.24 -18.20
C LEU B 101 11.80 24.06 -19.22
N GLN B 102 12.26 25.23 -18.79
CA GLN B 102 13.00 26.16 -19.63
C GLN B 102 14.30 25.55 -20.11
N ARG B 103 14.96 24.81 -19.24
CA ARG B 103 16.22 24.14 -19.59
C ARG B 103 16.02 22.97 -20.58
N LEU B 104 14.82 22.41 -20.63
CA LEU B 104 14.50 21.36 -21.60
C LEU B 104 14.08 21.97 -22.93
N ASP B 109 21.16 19.91 -25.46
CA ASP B 109 22.19 18.96 -25.89
C ASP B 109 21.65 17.96 -26.91
N GLN B 110 22.29 16.80 -27.02
CA GLN B 110 21.93 15.76 -28.00
C GLN B 110 20.66 14.98 -27.61
N VAL B 111 20.09 15.32 -26.46
CA VAL B 111 18.85 14.72 -25.98
C VAL B 111 17.75 15.77 -26.03
N GLN B 112 16.68 15.50 -26.77
CA GLN B 112 15.56 16.42 -26.81
C GLN B 112 14.33 15.82 -26.14
N ILE B 113 13.98 16.37 -24.98
CA ILE B 113 12.77 16.00 -24.25
C ILE B 113 11.64 16.98 -24.57
N SER B 114 10.59 16.48 -25.21
CA SER B 114 9.49 17.33 -25.61
C SER B 114 8.26 17.10 -24.75
N THR B 115 7.95 18.08 -23.89
CA THR B 115 6.79 18.00 -23.02
C THR B 115 5.95 19.29 -23.13
N GLY B 116 4.65 19.17 -22.88
CA GLY B 116 3.75 20.32 -23.00
C GLY B 116 2.46 20.01 -22.29
N SER B 117 1.81 21.07 -21.81
CA SER B 117 0.56 21.01 -21.07
C SER B 117 -0.38 22.09 -21.58
N ALA B 118 -1.68 21.85 -21.51
CA ALA B 118 -2.68 22.87 -21.83
C ALA B 118 -3.97 22.62 -21.07
N LEU B 119 -4.76 23.66 -20.90
CA LEU B 119 -6.04 23.58 -20.22
C LEU B 119 -7.12 23.91 -21.22
N PHE B 120 -8.16 23.10 -21.24
CA PHE B 120 -9.31 23.38 -22.07
C PHE B 120 -10.50 23.54 -21.16
N ILE B 121 -11.11 24.73 -21.23
CA ILE B 121 -12.10 25.18 -20.25
C ILE B 121 -13.44 25.50 -20.93
N GLU B 122 -14.53 25.00 -20.34
CA GLU B 122 -15.85 25.11 -20.98
C GLU B 122 -16.24 26.57 -21.26
N LYS B 123 -17.04 26.77 -22.29
CA LYS B 123 -17.24 28.08 -22.89
C LYS B 123 -17.86 29.19 -22.01
N ARG B 124 -18.49 28.81 -20.90
CA ARG B 124 -19.15 29.78 -20.03
C ARG B 124 -18.19 30.51 -19.11
N GLN B 125 -16.96 30.02 -19.01
CA GLN B 125 -16.03 30.54 -18.01
C GLN B 125 -14.98 31.48 -18.61
N GLN B 126 -14.78 32.61 -17.96
CA GLN B 126 -13.70 33.52 -18.28
C GLN B 126 -12.40 32.82 -17.98
N ILE B 127 -11.33 33.23 -18.66
CA ILE B 127 -9.97 32.83 -18.28
C ILE B 127 -9.16 34.09 -17.94
N LEU B 128 -8.87 34.27 -16.65
CA LEU B 128 -8.25 35.51 -16.19
C LEU B 128 -6.88 35.78 -16.80
N THR B 129 -6.62 37.06 -17.07
CA THR B 129 -5.36 37.59 -17.64
C THR B 129 -4.13 37.23 -16.81
N GLU B 130 -4.18 37.45 -15.50
CA GLU B 130 -3.02 37.17 -14.65
C GLU B 130 -2.65 35.69 -14.71
N PHE B 131 -3.66 34.81 -14.67
CA PHE B 131 -3.44 33.38 -14.85
C PHE B 131 -2.77 33.05 -16.19
N GLN B 132 -3.32 33.56 -17.28
CA GLN B 132 -2.77 33.33 -18.62
C GLN B 132 -1.29 33.69 -18.68
N GLU B 133 -0.94 34.87 -18.16
CA GLU B 133 0.42 35.38 -18.17
C GLU B 133 1.38 34.51 -17.36
N LYS B 134 0.98 34.15 -16.13
CA LYS B 134 1.78 33.29 -15.28
C LYS B 134 1.97 31.89 -15.88
N ALA B 135 0.89 31.34 -16.44
CA ALA B 135 0.93 30.05 -17.12
C ALA B 135 1.94 30.05 -18.27
N LYS B 136 1.96 31.13 -19.04
CA LYS B 136 2.91 31.29 -20.14
C LYS B 136 4.33 31.43 -19.62
N THR B 137 4.52 32.41 -18.75
CA THR B 137 5.84 32.74 -18.23
C THR B 137 6.48 31.56 -17.53
N LEU B 138 5.73 30.94 -16.62
CA LEU B 138 6.30 29.89 -15.78
C LEU B 138 6.31 28.52 -16.43
N TYR B 139 5.21 28.15 -17.09
CA TYR B 139 5.03 26.77 -17.56
C TYR B 139 5.02 26.63 -19.08
N GLN B 140 5.15 27.75 -19.79
CA GLN B 140 5.07 27.77 -21.26
C GLN B 140 3.78 27.07 -21.74
N ALA B 141 2.70 27.28 -20.98
CA ALA B 141 1.46 26.54 -21.18
C ALA B 141 0.32 27.49 -21.51
N GLU B 142 -0.70 26.97 -22.17
CA GLU B 142 -1.82 27.77 -22.59
C GLU B 142 -3.15 27.25 -22.08
N ALA B 143 -4.09 28.18 -21.90
CA ALA B 143 -5.45 27.82 -21.57
C ALA B 143 -6.38 28.29 -22.70
N PHE B 144 -7.21 27.39 -23.18
CA PHE B 144 -8.13 27.71 -24.26
C PHE B 144 -9.55 27.40 -23.87
N THR B 145 -10.49 28.04 -24.55
CA THR B 145 -11.91 27.77 -24.43
C THR B 145 -12.33 26.61 -25.31
N ALA B 146 -13.14 25.71 -24.76
CA ALA B 146 -13.72 24.63 -25.54
C ALA B 146 -15.22 24.50 -25.29
N ASP B 147 -15.96 24.24 -26.35
CA ASP B 147 -17.37 23.93 -26.19
C ASP B 147 -17.55 22.41 -26.03
N PHE B 148 -17.49 21.93 -24.80
CA PHE B 148 -17.65 20.50 -24.51
C PHE B 148 -19.05 19.95 -24.81
N GLN B 149 -20.05 20.83 -24.84
CA GLN B 149 -21.44 20.48 -25.19
C GLN B 149 -21.55 19.97 -26.64
N GLN B 150 -20.50 20.25 -27.43
CA GLN B 150 -20.32 19.70 -28.76
C GLN B 150 -19.03 18.89 -28.78
N PRO B 151 -19.13 17.58 -28.48
CA PRO B 151 -17.99 16.74 -28.10
C PRO B 151 -17.04 16.39 -29.24
N ARG B 152 -17.57 16.20 -30.45
CA ARG B 152 -16.73 15.97 -31.63
C ARG B 152 -15.92 17.23 -31.99
N GLN B 153 -16.51 18.40 -31.76
CA GLN B 153 -15.83 19.67 -32.03
C GLN B 153 -14.72 19.94 -31.00
N ALA B 154 -15.01 19.68 -29.72
CA ALA B 154 -14.05 19.83 -28.63
C ALA B 154 -12.89 18.85 -28.80
N LYS B 155 -13.21 17.63 -29.22
CA LYS B 155 -12.24 16.57 -29.46
C LYS B 155 -11.24 16.97 -30.56
N LYS B 156 -11.75 17.43 -31.70
CA LYS B 156 -10.90 17.93 -32.79
C LYS B 156 -10.04 19.12 -32.37
N LEU B 157 -10.62 20.07 -31.65
CA LEU B 157 -9.86 21.21 -31.13
C LEU B 157 -8.64 20.76 -30.31
N ILE B 158 -8.86 19.84 -29.36
CA ILE B 158 -7.78 19.41 -28.47
C ILE B 158 -6.73 18.66 -29.28
N ASN B 159 -7.19 17.74 -30.12
CA ASN B 159 -6.29 16.95 -30.95
C ASN B 159 -5.58 17.82 -31.99
N ASP B 160 -6.26 18.82 -32.53
CA ASP B 160 -5.64 19.84 -33.38
C ASP B 160 -4.52 20.54 -32.65
N TYR B 161 -4.75 20.87 -31.38
CA TYR B 161 -3.76 21.62 -30.62
C TYR B 161 -2.47 20.82 -30.43
N VAL B 162 -2.63 19.58 -29.99
CA VAL B 162 -1.51 18.70 -29.70
C VAL B 162 -0.77 18.33 -30.97
N ARG B 163 -1.49 18.13 -32.06
CA ARG B 163 -0.86 17.87 -33.36
C ARG B 163 0.11 18.98 -33.77
N LYS B 164 -0.32 20.23 -33.59
CA LYS B 164 0.49 21.40 -33.94
C LYS B 164 1.65 21.62 -32.97
N GLN B 165 1.43 21.32 -31.69
CA GLN B 165 2.43 21.48 -30.64
C GLN B 165 3.54 20.45 -30.73
N THR B 166 3.16 19.21 -31.04
CA THR B 166 4.10 18.09 -31.18
C THR B 166 4.62 17.97 -32.63
N GLN B 167 4.32 18.97 -33.46
CA GLN B 167 4.66 18.97 -34.89
C GLN B 167 4.40 17.61 -35.55
N GLY B 168 3.23 17.04 -35.30
CA GLY B 168 2.83 15.78 -35.94
C GLY B 168 3.04 14.52 -35.13
N MET B 169 3.93 14.59 -34.12
CA MET B 169 4.30 13.42 -33.31
C MET B 169 3.14 12.73 -32.58
N ILE B 170 2.29 13.53 -31.92
CA ILE B 170 1.10 12.99 -31.26
C ILE B 170 -0.14 13.55 -31.97
N LYS B 171 -0.80 12.70 -32.74
CA LYS B 171 -1.84 13.15 -33.65
C LYS B 171 -3.21 13.08 -33.01
N GLU B 172 -3.36 12.19 -32.03
CA GLU B 172 -4.59 12.08 -31.26
C GLU B 172 -4.25 11.79 -29.81
N LEU B 173 -4.68 12.70 -28.94
CA LEU B 173 -4.49 12.58 -27.50
C LEU B 173 -5.83 12.20 -26.84
N VAL B 174 -6.92 12.67 -27.44
CA VAL B 174 -8.23 12.61 -26.80
C VAL B 174 -9.28 11.93 -27.69
N SER B 175 -10.17 11.17 -27.05
CA SER B 175 -11.37 10.67 -27.71
C SER B 175 -12.57 11.56 -27.34
N ASP B 176 -13.78 11.18 -27.73
CA ASP B 176 -14.99 11.94 -27.35
C ASP B 176 -15.10 12.10 -25.82
N LEU B 177 -15.08 13.34 -25.37
CA LEU B 177 -15.23 13.65 -23.95
C LEU B 177 -16.69 13.81 -23.58
N ASP B 178 -17.00 13.61 -22.30
CA ASP B 178 -18.36 13.77 -21.78
C ASP B 178 -18.88 15.20 -22.06
N LYS B 179 -20.14 15.31 -22.48
CA LYS B 179 -20.76 16.62 -22.75
C LYS B 179 -20.77 17.53 -21.52
N ARG B 180 -20.65 16.93 -20.35
CA ARG B 180 -20.71 17.70 -19.11
C ARG B 180 -19.34 18.16 -18.65
N THR B 181 -18.30 17.80 -19.39
CA THR B 181 -16.92 18.20 -19.04
C THR B 181 -16.82 19.69 -18.74
N LEU B 182 -16.13 20.04 -17.66
CA LEU B 182 -15.88 21.45 -17.35
C LEU B 182 -14.48 21.93 -17.74
N MET B 183 -13.48 21.10 -17.49
CA MET B 183 -12.09 21.44 -17.73
C MET B 183 -11.29 20.16 -17.92
N VAL B 184 -10.52 20.10 -19.00
CA VAL B 184 -9.60 18.99 -19.25
C VAL B 184 -8.15 19.53 -19.18
N LEU B 185 -7.34 18.91 -18.34
CA LEU B 185 -5.91 19.16 -18.32
C LEU B 185 -5.26 18.12 -19.23
N VAL B 186 -4.53 18.58 -20.24
CA VAL B 186 -3.83 17.68 -21.15
C VAL B 186 -2.33 17.83 -20.97
N ASN B 187 -1.62 16.72 -21.09
CA ASN B 187 -0.19 16.67 -20.86
C ASN B 187 0.41 15.53 -21.68
N TYR B 188 1.53 15.81 -22.34
CA TYR B 188 2.17 14.83 -23.19
C TYR B 188 3.67 14.87 -22.96
N ILE B 189 4.36 13.78 -23.31
CA ILE B 189 5.82 13.77 -23.38
C ILE B 189 6.35 12.75 -24.37
N TYR B 190 7.33 13.18 -25.16
CA TYR B 190 8.07 12.25 -26.00
C TYR B 190 9.53 12.70 -25.97
N PHE B 191 10.44 11.89 -26.49
CA PHE B 191 11.82 12.29 -26.53
C PHE B 191 12.61 11.66 -27.66
N LYS B 192 13.74 12.28 -27.98
CA LYS B 192 14.62 11.83 -29.04
C LYS B 192 16.02 11.86 -28.47
N ALA B 193 16.77 10.77 -28.67
CA ALA B 193 18.15 10.67 -28.19
C ALA B 193 18.83 9.56 -28.97
N LYS B 194 20.16 9.54 -28.93
CA LYS B 194 20.95 8.48 -29.56
C LYS B 194 21.77 7.73 -28.51
N TRP B 195 21.84 6.41 -28.66
CA TRP B 195 22.70 5.58 -27.80
C TRP B 195 24.17 5.97 -27.93
N LYS B 196 24.87 6.06 -26.81
CA LYS B 196 26.34 6.08 -26.83
C LYS B 196 26.90 4.94 -27.70
N VAL B 197 26.39 3.73 -27.50
CA VAL B 197 26.78 2.55 -28.27
C VAL B 197 25.52 1.96 -28.85
N PRO B 198 25.25 2.23 -30.15
CA PRO B 198 24.05 1.78 -30.83
C PRO B 198 24.08 0.29 -31.18
N PHE B 199 22.91 -0.24 -31.52
CA PHE B 199 22.75 -1.61 -32.03
C PHE B 199 22.80 -1.61 -33.57
N ASP B 200 23.37 -2.65 -34.16
CA ASP B 200 23.39 -2.82 -35.61
C ASP B 200 22.04 -3.42 -36.02
N PRO B 201 21.30 -2.77 -36.92
CA PRO B 201 20.01 -3.34 -37.33
C PRO B 201 20.09 -4.71 -38.00
N LEU B 202 21.27 -5.07 -38.52
CA LEU B 202 21.45 -6.39 -39.13
C LEU B 202 21.52 -7.49 -38.07
N ASP B 203 21.68 -7.08 -36.81
CA ASP B 203 21.72 -8.00 -35.66
C ASP B 203 20.36 -8.12 -34.96
N THR B 204 19.37 -7.37 -35.45
CA THR B 204 18.01 -7.40 -34.93
C THR B 204 17.31 -8.62 -35.52
N PHE B 205 16.72 -9.46 -34.66
CA PHE B 205 16.17 -10.74 -35.10
C PHE B 205 14.88 -11.04 -34.33
N LYS B 206 13.99 -11.82 -34.94
CA LYS B 206 12.78 -12.30 -34.25
C LYS B 206 13.14 -13.24 -33.09
N SER B 207 12.55 -12.99 -31.92
CA SER B 207 12.81 -13.82 -30.74
C SER B 207 11.59 -13.83 -29.82
N GLU B 208 11.46 -14.89 -29.02
CA GLU B 208 10.33 -14.98 -28.10
C GLU B 208 10.53 -14.05 -26.92
N PHE B 209 9.52 -13.25 -26.63
CA PHE B 209 9.41 -12.53 -25.38
C PHE B 209 8.42 -13.30 -24.51
N TYR B 210 8.83 -13.64 -23.30
CA TYR B 210 8.02 -14.44 -22.39
C TYR B 210 7.05 -13.59 -21.59
N CYS B 211 5.94 -13.23 -22.25
CA CYS B 211 4.91 -12.35 -21.70
C CYS B 211 3.88 -13.07 -20.82
N GLY B 212 3.88 -14.40 -20.88
CA GLY B 212 2.94 -15.21 -20.12
C GLY B 212 1.56 -15.33 -20.74
N LYS B 213 1.45 -15.07 -22.04
CA LYS B 213 0.19 -15.23 -22.76
C LYS B 213 -0.04 -16.68 -23.25
N ARG B 214 -1.25 -16.95 -23.75
CA ARG B 214 -1.66 -18.28 -24.24
C ARG B 214 -0.84 -18.78 -25.45
N ARG B 215 -0.56 -17.87 -26.37
CA ARG B 215 0.27 -18.16 -27.53
C ARG B 215 1.60 -17.37 -27.43
N PRO B 216 2.73 -17.96 -27.92
CA PRO B 216 4.04 -17.30 -27.97
C PRO B 216 3.99 -15.87 -28.49
N VAL B 217 4.78 -14.98 -27.88
CA VAL B 217 4.93 -13.60 -28.38
C VAL B 217 6.33 -13.39 -28.97
N ILE B 218 6.37 -13.09 -30.26
CA ILE B 218 7.61 -12.94 -31.01
C ILE B 218 7.79 -11.45 -31.31
N VAL B 219 8.97 -10.93 -31.01
CA VAL B 219 9.25 -9.50 -31.07
C VAL B 219 10.56 -9.29 -31.83
N PRO B 220 10.76 -8.09 -32.44
CA PRO B 220 12.10 -7.74 -32.91
C PRO B 220 13.06 -7.51 -31.74
N MET B 221 14.09 -8.35 -31.69
CA MET B 221 15.00 -8.34 -30.59
C MET B 221 16.34 -7.81 -31.09
N MET B 222 16.79 -6.69 -30.54
CA MET B 222 18.07 -6.13 -30.90
C MET B 222 19.11 -6.90 -30.13
N SER B 223 20.35 -6.90 -30.62
CA SER B 223 21.45 -7.62 -29.97
C SER B 223 22.76 -6.98 -30.30
N MET B 224 23.65 -7.00 -29.32
CA MET B 224 25.04 -6.58 -29.49
C MET B 224 25.90 -7.45 -28.59
N GLU B 225 27.21 -7.36 -28.79
CA GLU B 225 28.19 -8.12 -28.03
C GLU B 225 29.27 -7.19 -27.52
N ASP B 226 30.02 -7.65 -26.52
CA ASP B 226 31.19 -6.92 -26.02
C ASP B 226 30.87 -5.47 -25.70
N LEU B 227 29.78 -5.26 -24.96
CA LEU B 227 29.40 -3.92 -24.54
C LEU B 227 29.99 -3.65 -23.17
N THR B 228 30.74 -2.55 -23.04
CA THR B 228 31.14 -2.10 -21.73
C THR B 228 30.17 -0.99 -21.30
N THR B 229 29.52 -1.17 -20.15
CA THR B 229 28.46 -0.28 -19.70
C THR B 229 28.27 -0.51 -18.18
N PRO B 230 27.71 0.48 -17.45
CA PRO B 230 27.44 0.28 -16.04
C PRO B 230 26.44 -0.83 -15.76
N TYR B 231 26.76 -1.67 -14.78
CA TYR B 231 26.06 -2.91 -14.52
C TYR B 231 26.03 -3.17 -13.03
N PHE B 232 24.93 -3.70 -12.52
CA PHE B 232 24.86 -4.16 -11.13
C PHE B 232 23.92 -5.33 -10.96
N ARG B 233 24.41 -6.40 -10.35
CA ARG B 233 23.57 -7.55 -10.00
C ARG B 233 23.04 -7.37 -8.56
N ASP B 234 21.73 -7.21 -8.42
CA ASP B 234 21.13 -7.06 -7.09
C ASP B 234 20.68 -8.42 -6.57
N GLU B 235 21.48 -8.95 -5.65
CA GLU B 235 21.23 -10.27 -5.10
C GLU B 235 20.07 -10.27 -4.12
N GLU B 236 19.88 -9.15 -3.42
CA GLU B 236 18.82 -9.04 -2.41
C GLU B 236 17.46 -8.97 -3.08
N LEU B 237 17.40 -8.32 -4.24
CA LEU B 237 16.12 -8.17 -4.95
C LEU B 237 15.94 -9.10 -6.15
N SER B 238 16.94 -9.92 -6.45
CA SER B 238 16.91 -10.88 -7.56
C SER B 238 16.64 -10.18 -8.91
N CYS B 239 17.46 -9.18 -9.19
CA CYS B 239 17.33 -8.48 -10.44
C CYS B 239 18.69 -7.99 -10.95
N THR B 240 18.77 -7.88 -12.27
CA THR B 240 19.96 -7.41 -12.94
C THR B 240 19.65 -5.99 -13.40
N VAL B 241 20.58 -5.08 -13.14
CA VAL B 241 20.44 -3.66 -13.50
C VAL B 241 21.53 -3.28 -14.51
N VAL B 242 21.10 -2.70 -15.63
CA VAL B 242 22.00 -2.30 -16.71
C VAL B 242 21.67 -0.86 -17.08
N GLU B 243 22.69 -0.02 -17.13
CA GLU B 243 22.50 1.32 -17.62
C GLU B 243 23.01 1.47 -19.06
N LEU B 244 22.14 1.91 -19.97
CA LEU B 244 22.52 2.25 -21.34
C LEU B 244 22.53 3.77 -21.51
N LYS B 245 23.70 4.32 -21.80
CA LYS B 245 23.89 5.76 -21.90
C LYS B 245 23.47 6.33 -23.24
N TYR B 246 22.91 7.54 -23.23
CA TYR B 246 22.72 8.29 -24.45
C TYR B 246 23.92 9.22 -24.63
N THR B 247 24.08 9.77 -25.83
CA THR B 247 25.22 10.64 -26.12
C THR B 247 25.15 11.97 -25.37
N GLY B 248 23.94 12.46 -25.12
CA GLY B 248 23.75 13.68 -24.34
C GLY B 248 23.60 13.38 -22.86
N ASN B 249 23.01 14.31 -22.12
CA ASN B 249 22.91 14.19 -20.67
C ASN B 249 21.73 13.33 -20.20
N ALA B 250 21.64 12.10 -20.71
CA ALA B 250 20.58 11.18 -20.28
C ALA B 250 21.05 9.73 -20.37
N SER B 251 20.48 8.87 -19.54
CA SER B 251 20.70 7.44 -19.69
C SER B 251 19.41 6.69 -19.44
N ALA B 252 19.39 5.43 -19.83
CA ALA B 252 18.26 4.57 -19.54
C ALA B 252 18.72 3.52 -18.54
N LEU B 253 18.00 3.40 -17.43
CA LEU B 253 18.28 2.40 -16.41
C LEU B 253 17.31 1.26 -16.61
N PHE B 254 17.83 0.09 -16.99
CA PHE B 254 17.01 -1.09 -17.30
C PHE B 254 17.13 -2.07 -16.14
N ILE B 255 16.00 -2.55 -15.64
CA ILE B 255 15.98 -3.45 -14.48
C ILE B 255 15.29 -4.73 -14.92
N LEU B 256 16.03 -5.84 -14.93
CA LEU B 256 15.49 -7.13 -15.32
C LEU B 256 15.39 -8.03 -14.09
N PRO B 257 14.17 -8.17 -13.52
CA PRO B 257 13.93 -9.14 -12.45
C PRO B 257 14.11 -10.57 -12.95
N ASP B 258 14.67 -11.44 -12.11
CA ASP B 258 14.75 -12.86 -12.42
C ASP B 258 13.34 -13.38 -12.71
N GLN B 259 13.24 -14.49 -13.44
CA GLN B 259 11.96 -15.06 -13.77
C GLN B 259 11.14 -15.24 -12.48
N GLY B 260 9.90 -14.73 -12.49
CA GLY B 260 9.00 -14.83 -11.34
C GLY B 260 9.12 -13.75 -10.27
N ARG B 261 10.08 -12.84 -10.43
CA ARG B 261 10.39 -11.89 -9.38
C ARG B 261 10.01 -10.44 -9.62
N MET B 262 9.15 -10.18 -10.62
CA MET B 262 8.72 -8.78 -10.89
C MET B 262 8.06 -8.12 -9.68
N GLN B 263 7.08 -8.82 -9.09
CA GLN B 263 6.34 -8.32 -7.93
C GLN B 263 7.27 -8.06 -6.75
N GLN B 264 8.26 -8.92 -6.55
CA GLN B 264 9.29 -8.70 -5.54
C GLN B 264 10.05 -7.39 -5.78
N VAL B 265 10.44 -7.15 -7.04
CA VAL B 265 11.17 -5.93 -7.33
C VAL B 265 10.23 -4.72 -7.14
N GLU B 266 9.00 -4.84 -7.63
CA GLU B 266 8.03 -3.76 -7.54
C GLU B 266 7.74 -3.38 -6.09
N ALA B 267 7.68 -4.40 -5.23
CA ALA B 267 7.45 -4.18 -3.81
C ALA B 267 8.50 -3.27 -3.13
N SER B 268 9.69 -3.16 -3.72
CA SER B 268 10.70 -2.28 -3.13
C SER B 268 11.15 -1.14 -4.05
N LEU B 269 10.31 -0.81 -5.01
CA LEU B 269 10.55 0.33 -5.86
C LEU B 269 10.28 1.61 -5.07
N GLN B 270 11.36 2.21 -4.57
CA GLN B 270 11.26 3.44 -3.81
C GLN B 270 12.59 4.17 -3.97
N PRO B 271 12.65 5.46 -3.59
CA PRO B 271 13.91 6.22 -3.78
C PRO B 271 15.18 5.57 -3.18
N GLU B 272 15.04 4.83 -2.08
CA GLU B 272 16.23 4.25 -1.42
C GLU B 272 16.89 3.15 -2.28
N THR B 273 16.06 2.30 -2.86
CA THR B 273 16.49 1.24 -3.75
C THR B 273 17.15 1.85 -4.99
N LEU B 274 16.50 2.87 -5.57
CA LEU B 274 17.03 3.49 -6.77
C LEU B 274 18.44 4.04 -6.54
N ARG B 275 18.63 4.71 -5.39
CA ARG B 275 19.94 5.20 -4.93
C ARG B 275 20.96 4.06 -4.80
N LYS B 276 20.56 2.96 -4.17
CA LYS B 276 21.43 1.78 -4.04
C LYS B 276 21.88 1.27 -5.41
N TRP B 277 20.92 1.12 -6.33
CA TRP B 277 21.21 0.71 -7.70
C TRP B 277 22.20 1.66 -8.38
N LYS B 278 21.91 2.96 -8.34
CA LYS B 278 22.74 3.98 -8.97
C LYS B 278 24.15 4.05 -8.37
N ASN B 279 24.23 3.96 -7.04
CA ASN B 279 25.52 3.93 -6.34
C ASN B 279 26.31 2.64 -6.55
N SER B 280 25.62 1.56 -6.92
CA SER B 280 26.26 0.25 -7.06
C SER B 280 26.69 -0.12 -8.47
N LEU B 281 26.26 0.65 -9.49
CA LEU B 281 26.65 0.39 -10.86
C LEU B 281 28.15 0.50 -11.00
N LYS B 282 28.71 -0.42 -11.78
CA LYS B 282 30.14 -0.44 -12.09
C LYS B 282 30.29 -0.78 -13.56
N PRO B 283 31.28 -0.17 -14.22
CA PRO B 283 31.58 -0.54 -15.61
C PRO B 283 31.87 -2.04 -15.68
N ARG B 284 31.22 -2.71 -16.62
CA ARG B 284 31.35 -4.16 -16.74
C ARG B 284 31.18 -4.53 -18.21
N MET B 285 31.94 -5.53 -18.63
CA MET B 285 31.83 -6.08 -19.98
C MET B 285 30.69 -7.08 -20.03
N ILE B 286 29.69 -6.80 -20.87
CA ILE B 286 28.56 -7.69 -21.07
C ILE B 286 28.79 -8.34 -22.43
N ASP B 287 28.90 -9.67 -22.45
CA ASP B 287 29.29 -10.38 -23.66
C ASP B 287 28.17 -10.44 -24.71
N GLU B 288 26.93 -10.50 -24.25
CA GLU B 288 25.75 -10.46 -25.13
C GLU B 288 24.62 -9.72 -24.44
N LEU B 289 24.07 -8.74 -25.13
CA LEU B 289 22.91 -8.03 -24.66
C LEU B 289 21.82 -8.15 -25.71
N HIS B 290 20.65 -8.64 -25.30
CA HIS B 290 19.47 -8.65 -26.16
C HIS B 290 18.42 -7.71 -25.56
N LEU B 291 17.91 -6.81 -26.39
CA LEU B 291 16.90 -5.84 -25.96
C LEU B 291 15.84 -5.67 -27.03
N PRO B 292 14.56 -5.80 -26.65
CA PRO B 292 13.50 -5.63 -27.62
C PRO B 292 13.46 -4.20 -28.14
N LYS B 293 13.13 -4.08 -29.42
CA LYS B 293 12.87 -2.82 -30.10
C LYS B 293 11.36 -2.57 -29.98
N PHE B 294 10.97 -1.40 -29.46
CA PHE B 294 9.55 -1.11 -29.30
C PHE B 294 9.25 0.38 -29.24
N SER B 295 7.97 0.68 -29.46
CA SER B 295 7.45 2.01 -29.31
C SER B 295 6.17 1.84 -28.52
N ILE B 296 6.14 2.36 -27.30
CA ILE B 296 4.97 2.19 -26.46
C ILE B 296 4.45 3.52 -25.93
N SER B 297 3.17 3.76 -26.21
CA SER B 297 2.47 4.94 -25.72
C SER B 297 1.28 4.50 -24.91
N THR B 298 1.05 5.20 -23.82
CA THR B 298 -0.07 4.92 -22.95
C THR B 298 -0.97 6.14 -22.93
N ASP B 299 -2.24 5.91 -22.60
CA ASP B 299 -3.21 6.98 -22.44
C ASP B 299 -3.76 6.79 -21.03
N TYR B 300 -3.60 7.81 -20.20
CA TYR B 300 -4.11 7.76 -18.83
C TYR B 300 -5.08 8.88 -18.57
N SER B 301 -6.13 8.54 -17.84
CA SER B 301 -7.04 9.50 -17.27
C SER B 301 -6.78 9.38 -15.77
N LEU B 302 -6.08 10.36 -15.21
CA LEU B 302 -5.41 10.16 -13.91
C LEU B 302 -6.19 10.49 -12.65
N GLU B 303 -7.46 10.90 -12.91
N GLU B 303 -7.43 10.97 -12.74
CA GLU B 303 -8.52 11.20 -11.93
CA GLU B 303 -8.12 11.43 -11.51
C GLU B 303 -9.11 9.92 -11.27
C GLU B 303 -8.07 10.41 -10.35
N ASP B 304 -8.19 9.14 -10.72
CA ASP B 304 -8.45 8.06 -9.77
C ASP B 304 -7.17 7.83 -8.97
N VAL B 305 -6.07 7.63 -9.68
CA VAL B 305 -4.80 7.42 -9.00
C VAL B 305 -4.36 8.69 -8.25
N LEU B 306 -4.65 9.86 -8.81
CA LEU B 306 -4.29 11.12 -8.12
C LEU B 306 -5.07 11.33 -6.82
N SER B 307 -6.33 10.94 -6.83
CA SER B 307 -7.17 11.01 -5.62
C SER B 307 -6.67 10.02 -4.56
N LYS B 308 -6.21 8.85 -4.99
CA LYS B 308 -5.52 7.91 -4.08
C LYS B 308 -4.24 8.52 -3.52
N LEU B 309 -3.68 9.52 -4.21
CA LEU B 309 -2.47 10.18 -3.73
C LEU B 309 -2.79 11.40 -2.85
N GLY B 310 -4.06 11.63 -2.58
CA GLY B 310 -4.44 12.76 -1.71
C GLY B 310 -4.94 13.99 -2.45
N ILE B 311 -4.80 14.00 -3.77
CA ILE B 311 -5.25 15.13 -4.57
C ILE B 311 -6.71 14.91 -4.94
N ARG B 312 -7.62 15.54 -4.19
CA ARG B 312 -9.04 15.24 -4.34
C ARG B 312 -9.90 16.47 -4.53
N GLU B 313 -9.59 17.56 -3.82
CA GLU B 313 -10.55 18.68 -3.78
C GLU B 313 -10.77 19.28 -5.16
N VAL B 314 -9.69 19.27 -5.95
CA VAL B 314 -9.65 19.89 -7.25
C VAL B 314 -10.60 19.22 -8.25
N PHE B 315 -11.02 17.99 -7.95
CA PHE B 315 -11.96 17.25 -8.77
C PHE B 315 -13.41 17.38 -8.29
N SER B 316 -13.59 18.03 -7.15
CA SER B 316 -14.89 18.04 -6.46
C SER B 316 -15.59 19.38 -6.65
N THR B 317 -16.87 19.43 -6.25
CA THR B 317 -17.65 20.66 -6.32
C THR B 317 -17.12 21.70 -5.31
N GLN B 318 -16.16 21.30 -4.49
CA GLN B 318 -15.55 22.21 -3.53
C GLN B 318 -14.21 22.79 -3.99
N ALA B 319 -13.83 22.51 -5.25
CA ALA B 319 -12.60 23.04 -5.84
C ALA B 319 -12.64 24.56 -5.82
N ASP B 320 -11.50 25.17 -5.51
CA ASP B 320 -11.36 26.61 -5.64
C ASP B 320 -10.35 26.93 -6.74
N LEU B 321 -10.88 27.08 -7.96
CA LEU B 321 -10.10 27.49 -9.12
C LEU B 321 -10.43 28.92 -9.52
N SER B 322 -10.85 29.72 -8.54
CA SER B 322 -11.28 31.09 -8.76
C SER B 322 -10.17 32.01 -9.33
N ALA B 323 -8.90 31.61 -9.14
CA ALA B 323 -7.77 32.31 -9.78
C ALA B 323 -7.67 32.03 -11.31
N ILE B 324 -8.45 31.07 -11.80
CA ILE B 324 -8.55 30.83 -13.24
C ILE B 324 -9.73 31.59 -13.87
N THR B 325 -10.91 31.50 -13.25
CA THR B 325 -12.15 31.98 -13.84
C THR B 325 -12.79 33.20 -13.18
N GLY B 326 -12.37 33.53 -11.95
CA GLY B 326 -13.09 34.50 -11.11
C GLY B 326 -14.44 34.01 -10.56
N THR B 327 -14.69 32.70 -10.71
CA THR B 327 -15.90 32.06 -10.19
C THR B 327 -15.49 30.83 -9.35
N LYS B 328 -16.49 30.10 -8.84
CA LYS B 328 -16.25 28.83 -8.17
C LYS B 328 -16.91 27.69 -8.94
N ASP B 329 -17.25 27.93 -10.21
CA ASP B 329 -17.93 26.91 -11.00
C ASP B 329 -16.97 25.87 -11.56
N LEU B 330 -15.67 26.15 -11.49
CA LEU B 330 -14.68 25.30 -12.15
C LEU B 330 -14.07 24.22 -11.24
N ARG B 331 -13.96 23.02 -11.80
CA ARG B 331 -13.22 21.92 -11.21
C ARG B 331 -12.59 21.15 -12.38
N VAL B 332 -11.54 20.37 -12.11
CA VAL B 332 -10.92 19.55 -13.15
C VAL B 332 -11.82 18.34 -13.42
N SER B 333 -12.21 18.16 -14.66
CA SER B 333 -13.02 17.00 -15.06
C SER B 333 -12.13 15.81 -15.34
N GLN B 334 -11.04 16.04 -16.09
CA GLN B 334 -10.07 14.99 -16.41
C GLN B 334 -8.65 15.50 -16.45
N VAL B 335 -7.74 14.56 -16.20
CA VAL B 335 -6.33 14.81 -16.36
C VAL B 335 -5.87 13.78 -17.36
N VAL B 336 -5.56 14.23 -18.58
CA VAL B 336 -5.10 13.31 -19.63
C VAL B 336 -3.57 13.35 -19.74
N HIS B 337 -2.94 12.19 -19.68
CA HIS B 337 -1.50 12.07 -19.81
C HIS B 337 -1.14 11.06 -20.88
N LYS B 338 -0.30 11.48 -21.83
CA LYS B 338 0.26 10.58 -22.84
C LYS B 338 1.78 10.66 -22.86
N ALA B 339 2.42 9.51 -22.62
CA ALA B 339 3.85 9.36 -22.73
C ALA B 339 4.16 8.46 -23.93
N VAL B 340 5.12 8.86 -24.75
CA VAL B 340 5.58 7.99 -25.84
C VAL B 340 7.03 7.61 -25.56
N LEU B 341 7.29 6.32 -25.43
CA LEU B 341 8.64 5.81 -25.19
C LEU B 341 9.05 4.87 -26.32
N ASP B 342 10.11 5.25 -27.03
CA ASP B 342 10.70 4.47 -28.10
C ASP B 342 12.08 3.93 -27.71
N VAL B 343 12.31 2.66 -28.00
CA VAL B 343 13.63 2.08 -27.85
C VAL B 343 13.91 1.36 -29.16
N ALA B 344 14.99 1.74 -29.84
CA ALA B 344 15.34 1.14 -31.12
C ALA B 344 16.87 1.14 -31.30
N GLU B 345 17.37 0.83 -32.50
CA GLU B 345 18.81 0.56 -32.66
C GLU B 345 19.71 1.75 -32.42
N THR B 346 19.31 2.92 -32.92
CA THR B 346 20.10 4.14 -32.81
C THR B 346 19.86 4.90 -31.49
N GLY B 347 18.76 4.57 -30.80
CA GLY B 347 18.41 5.15 -29.49
C GLY B 347 16.91 5.18 -29.28
N THR B 348 16.28 6.27 -29.70
CA THR B 348 14.83 6.32 -29.76
C THR B 348 14.38 6.00 -31.20
N GLU B 349 15.27 6.24 -32.17
CA GLU B 349 14.94 6.04 -33.59
C GLU B 349 15.48 4.72 -34.13
N ALA B 350 14.69 4.11 -35.01
CA ALA B 350 15.04 2.83 -35.59
C ALA B 350 16.12 3.03 -36.65
N ALA B 351 16.86 1.96 -36.92
CA ALA B 351 17.85 1.96 -37.98
C ALA B 351 17.45 0.91 -39.00
N ALA B 352 17.92 1.08 -40.23
CA ALA B 352 17.72 0.10 -41.28
C ALA B 352 19.00 -0.06 -42.09
N ALA B 353 19.22 -1.27 -42.58
CA ALA B 353 20.39 -1.60 -43.40
C ALA B 353 19.99 -2.73 -44.34
N THR B 354 20.79 -2.98 -45.37
CA THR B 354 20.50 -4.09 -46.29
C THR B 354 21.58 -5.17 -46.23
N GLY B 355 21.24 -6.36 -46.72
CA GLY B 355 22.19 -7.47 -46.74
C GLY B 355 22.23 -8.21 -45.42
N VAL B 356 23.12 -9.18 -45.34
CA VAL B 356 23.15 -10.14 -44.24
C VAL B 356 24.53 -10.10 -43.58
N LYS B 357 24.54 -10.14 -42.24
CA LYS B 357 25.77 -10.05 -41.45
C LYS B 357 25.99 -11.32 -40.62
N PHE B 358 27.20 -11.88 -40.70
CA PHE B 358 27.57 -13.13 -39.98
C PHE B 358 28.14 -12.85 -38.58
N LYS B 364 34.16 -18.14 -25.94
CA LYS B 364 34.01 -17.50 -24.62
C LYS B 364 33.59 -18.49 -23.55
N LEU B 365 34.37 -18.52 -22.47
CA LEU B 365 34.07 -19.35 -21.31
C LEU B 365 33.27 -18.50 -20.34
N TYR B 366 32.13 -19.03 -19.91
CA TYR B 366 31.25 -18.37 -18.91
C TYR B 366 30.96 -16.88 -19.24
N PRO B 367 30.41 -16.61 -20.43
CA PRO B 367 30.15 -15.22 -20.79
C PRO B 367 29.01 -14.64 -19.97
N LEU B 368 29.07 -13.34 -19.69
CA LEU B 368 27.95 -12.63 -19.08
C LEU B 368 26.92 -12.26 -20.16
N THR B 369 25.75 -12.91 -20.12
CA THR B 369 24.69 -12.59 -21.07
C THR B 369 23.46 -11.98 -20.36
N VAL B 370 22.94 -10.88 -20.92
CA VAL B 370 21.70 -10.31 -20.39
C VAL B 370 20.65 -10.27 -21.49
N TYR B 371 19.58 -11.06 -21.32
CA TYR B 371 18.50 -11.09 -22.29
C TYR B 371 17.23 -10.51 -21.71
N PHE B 372 16.80 -9.35 -22.20
CA PHE B 372 15.54 -8.75 -21.76
C PHE B 372 14.39 -9.37 -22.55
N ASN B 373 14.16 -10.67 -22.33
CA ASN B 373 13.07 -11.40 -23.02
C ASN B 373 11.95 -11.83 -22.06
N ARG B 374 11.81 -11.07 -20.98
CA ARG B 374 10.76 -11.23 -19.97
C ARG B 374 10.51 -9.87 -19.34
N PRO B 375 9.37 -9.68 -18.64
CA PRO B 375 9.05 -8.31 -18.19
C PRO B 375 10.22 -7.62 -17.45
N PHE B 376 10.38 -6.32 -17.70
CA PHE B 376 11.46 -5.51 -17.14
C PHE B 376 11.03 -4.06 -16.96
N LEU B 377 11.81 -3.28 -16.22
CA LEU B 377 11.48 -1.89 -15.98
C LEU B 377 12.49 -1.06 -16.74
N ILE B 378 12.09 0.16 -17.14
CA ILE B 378 13.01 1.16 -17.67
C ILE B 378 12.75 2.49 -16.98
N MET B 379 13.81 3.15 -16.60
CA MET B 379 13.71 4.49 -16.11
C MET B 379 14.70 5.33 -16.87
N ILE B 380 14.23 6.45 -17.41
CA ILE B 380 15.08 7.38 -18.15
C ILE B 380 15.36 8.54 -17.24
N PHE B 381 16.63 8.91 -17.10
CA PHE B 381 17.04 9.98 -16.21
C PHE B 381 17.80 11.06 -16.95
N ASP B 382 17.51 12.31 -16.61
CA ASP B 382 18.39 13.44 -16.88
C ASP B 382 19.59 13.27 -15.98
N THR B 383 20.79 13.16 -16.55
CA THR B 383 21.95 12.85 -15.71
C THR B 383 22.48 14.05 -14.94
N GLU B 384 22.09 15.25 -15.34
CA GLU B 384 22.49 16.46 -14.58
C GLU B 384 21.77 16.57 -13.23
N THR B 385 20.45 16.41 -13.25
CA THR B 385 19.61 16.58 -12.05
C THR B 385 19.08 15.28 -11.49
N GLU B 386 19.05 14.23 -12.31
CA GLU B 386 18.53 12.89 -11.92
C GLU B 386 17.01 12.82 -11.83
N ILE B 387 16.34 13.81 -12.39
CA ILE B 387 14.91 13.75 -12.60
C ILE B 387 14.64 12.74 -13.70
N ALA B 388 13.48 12.09 -13.62
CA ALA B 388 13.11 11.04 -14.55
C ALA B 388 12.00 11.47 -15.49
N PRO B 389 12.31 11.69 -16.78
CA PRO B 389 11.25 11.91 -17.77
C PRO B 389 10.31 10.72 -17.97
N PHE B 390 10.78 9.51 -17.72
CA PHE B 390 10.01 8.28 -17.96
C PHE B 390 10.25 7.20 -16.93
N ILE B 391 9.18 6.62 -16.43
CA ILE B 391 9.21 5.38 -15.67
C ILE B 391 8.34 4.45 -16.48
N ALA B 392 8.79 3.21 -16.68
CA ALA B 392 8.01 2.24 -17.42
C ALA B 392 8.19 0.82 -16.89
N LYS B 393 7.14 0.02 -17.00
CA LYS B 393 7.26 -1.43 -16.94
C LYS B 393 6.91 -1.93 -18.32
N ILE B 394 7.75 -2.79 -18.88
CA ILE B 394 7.46 -3.42 -20.18
C ILE B 394 7.08 -4.88 -19.95
N ALA B 395 5.79 -5.15 -19.87
CA ALA B 395 5.25 -6.47 -19.66
C ALA B 395 5.13 -7.23 -20.99
N ASN B 396 4.98 -6.47 -22.08
CA ASN B 396 4.88 -7.02 -23.43
C ASN B 396 5.23 -5.93 -24.47
N PRO B 397 6.41 -6.05 -25.11
CA PRO B 397 6.81 -5.02 -26.06
C PRO B 397 6.19 -5.14 -27.46
N LYS B 398 5.35 -6.16 -27.66
CA LYS B 398 4.78 -6.45 -28.98
C LYS B 398 4.09 -5.24 -29.63
#